data_6KWB
#
_entry.id   6KWB
#
_cell.length_a   75.88
_cell.length_b   76.799
_cell.length_c   166.292
_cell.angle_alpha   90.0
_cell.angle_beta   90.0
_cell.angle_gamma   90.0
#
_symmetry.space_group_name_H-M   'P 21 21 21'
#
loop_
_entity.id
_entity.type
_entity.pdbx_description
1 polymer '2-oxoglutarate (2OG) and Fe(II)-dependent oxygenase superfamily protein'
2 non-polymer 'MAGNESIUM ION'
3 non-polymer '2-OXOGLUTARIC ACID'
4 water water
#
_entity_poly.entity_id   1
_entity_poly.type   'polypeptide(L)'
_entity_poly.pdbx_seq_one_letter_code
;MIPTIDLEEVSDKILNQKIREASERWGCFRVINHGVSLSLMAEMKKTVIDLFQRPYEVKVRNTDVLLGSGYRAPNEINPY
YEALGLYDMASPHAVNTFCDQLEASADQREIMVKYAKAINGLATDLARKLAESYGLVETDFFKEWPSQFRINKYHFKPET
VGKLGVQLHTDSGFLTILQDDENVGGLEAMDNSSGTFFPIDPLPNTLAINLGDMATIWSNGRLCNVKHRVQCKEATMRYS
IASFLLGPMDTDLEPPSEFVDAEHPRLYKP
;
_entity_poly.pdbx_strand_id   A,B,C
#
# COMPACT_ATOMS: atom_id res chain seq x y z
N MET A 1 20.68 -9.33 1.20
CA MET A 1 21.07 -10.47 2.01
C MET A 1 20.55 -10.28 3.44
N ILE A 2 19.99 -11.35 4.00
CA ILE A 2 19.55 -11.42 5.41
C ILE A 2 20.74 -11.53 6.36
N PRO A 3 20.82 -10.65 7.34
CA PRO A 3 21.92 -10.65 8.28
C PRO A 3 21.65 -11.64 9.41
N THR A 4 22.74 -12.13 9.98
CA THR A 4 22.71 -13.04 11.11
C THR A 4 23.13 -12.30 12.37
N ILE A 5 22.26 -12.26 13.36
CA ILE A 5 22.54 -11.51 14.56
C ILE A 5 22.91 -12.43 15.73
N ASP A 6 23.97 -12.04 16.44
CA ASP A 6 24.46 -12.83 17.57
C ASP A 6 23.79 -12.31 18.85
N LEU A 7 22.89 -13.11 19.42
CA LEU A 7 22.11 -12.69 20.59
C LEU A 7 22.92 -12.72 21.88
N GLU A 8 24.14 -13.23 21.79
CA GLU A 8 25.07 -13.21 22.91
C GLU A 8 26.15 -12.16 22.75
N GLU A 9 25.92 -11.22 21.84
CA GLU A 9 26.73 -10.02 21.73
C GLU A 9 26.78 -9.34 23.08
N VAL A 10 27.99 -9.00 23.54
CA VAL A 10 28.18 -8.49 24.91
C VAL A 10 27.51 -7.12 25.11
N SER A 11 27.53 -6.29 24.06
CA SER A 11 27.04 -4.92 24.12
C SER A 11 25.60 -4.72 23.70
N ASP A 12 24.79 -4.29 24.64
CA ASP A 12 23.38 -4.03 24.41
C ASP A 12 23.10 -2.99 23.37
N LYS A 13 23.97 -1.99 23.22
CA LYS A 13 23.61 -0.95 22.30
C LYS A 13 23.95 -1.42 20.90
N ILE A 14 25.02 -2.20 20.74
CA ILE A 14 25.36 -2.77 19.44
C ILE A 14 24.37 -3.82 18.99
N LEU A 15 23.94 -4.64 19.95
CA LEU A 15 23.05 -5.73 19.65
C LEU A 15 21.69 -5.22 19.24
N ASN A 16 21.14 -4.32 20.03
CA ASN A 16 19.86 -3.70 19.75
C ASN A 16 19.90 -2.91 18.46
N GLN A 17 21.01 -2.26 18.17
CA GLN A 17 21.11 -1.50 16.94
C GLN A 17 21.16 -2.42 15.74
N LYS A 18 21.87 -3.54 15.86
CA LYS A 18 21.92 -4.51 14.77
C LYS A 18 20.53 -5.01 14.44
N ILE A 19 19.77 -5.31 15.48
CA ILE A 19 18.45 -5.85 15.34
C ILE A 19 17.49 -4.86 14.67
N ARG A 20 17.59 -3.61 15.09
CA ARG A 20 16.67 -2.59 14.61
C ARG A 20 16.89 -2.28 13.13
N GLU A 21 18.15 -2.21 12.75
CA GLU A 21 18.47 -1.84 11.41
C GLU A 21 18.17 -3.00 10.49
N ALA A 22 18.34 -4.22 11.00
CA ALA A 22 17.93 -5.41 10.25
C ALA A 22 16.41 -5.45 10.07
N SER A 23 15.68 -5.02 11.09
CA SER A 23 14.23 -5.10 11.09
C SER A 23 13.64 -4.01 10.22
N GLU A 24 14.37 -2.91 10.06
CA GLU A 24 13.92 -1.77 9.26
C GLU A 24 14.29 -1.91 7.79
N ARG A 25 15.44 -2.51 7.52
CA ARG A 25 15.94 -2.54 6.16
C ARG A 25 15.45 -3.79 5.44
N TRP A 26 15.46 -4.94 6.12
CA TRP A 26 15.12 -6.22 5.47
C TRP A 26 13.85 -6.88 6.04
N GLY A 27 13.43 -6.46 7.23
CA GLY A 27 12.27 -7.09 7.85
C GLY A 27 12.49 -8.50 8.37
N CYS A 28 13.76 -8.92 8.44
CA CYS A 28 14.08 -10.27 8.86
C CYS A 28 15.54 -10.46 9.21
N PHE A 29 15.81 -11.48 10.04
CA PHE A 29 17.19 -11.80 10.37
C PHE A 29 17.28 -13.16 10.97
N ARG A 30 18.47 -13.73 10.90
CA ARG A 30 18.78 -14.94 11.61
C ARG A 30 19.32 -14.57 12.97
N VAL A 31 19.10 -15.46 13.93
CA VAL A 31 19.68 -15.31 15.24
C VAL A 31 20.52 -16.55 15.56
N ILE A 32 21.72 -16.32 16.10
CA ILE A 32 22.52 -17.42 16.61
C ILE A 32 22.69 -17.21 18.10
N ASN A 33 23.02 -18.29 18.81
CA ASN A 33 23.11 -18.28 20.27
C ASN A 33 21.83 -17.73 20.86
N HIS A 34 20.73 -18.15 20.27
CA HIS A 34 19.38 -17.82 20.73
C HIS A 34 19.00 -18.38 22.09
N GLY A 35 19.67 -19.42 22.57
CA GLY A 35 19.28 -19.97 23.87
C GLY A 35 18.19 -21.03 23.85
N VAL A 36 17.67 -21.36 22.69
CA VAL A 36 16.74 -22.47 22.64
C VAL A 36 17.56 -23.73 22.45
N SER A 37 17.33 -24.68 23.36
CA SER A 37 18.05 -25.96 23.38
C SER A 37 18.03 -26.57 21.98
N LEU A 38 19.21 -26.93 21.48
CA LEU A 38 19.27 -27.52 20.15
C LEU A 38 18.53 -28.88 20.14
N SER A 39 18.60 -29.61 21.25
CA SER A 39 17.98 -30.93 21.33
C SER A 39 16.46 -30.84 21.35
N LEU A 40 15.97 -29.80 22.04
CA LEU A 40 14.54 -29.50 22.07
C LEU A 40 14.04 -29.20 20.63
N MET A 41 14.82 -28.45 19.84
CA MET A 41 14.44 -28.17 18.46
C MET A 41 14.36 -29.43 17.61
N ALA A 42 15.33 -30.33 17.78
CA ALA A 42 15.34 -31.55 16.96
C ALA A 42 14.19 -32.44 17.37
N GLU A 43 13.92 -32.49 18.65
CA GLU A 43 12.84 -33.32 19.15
C GLU A 43 11.52 -32.73 18.74
N MET A 44 11.47 -31.40 18.68
CA MET A 44 10.24 -30.78 18.21
C MET A 44 10.05 -31.12 16.75
N LYS A 45 11.12 -31.11 15.97
CA LYS A 45 10.96 -31.50 14.58
C LYS A 45 10.54 -32.97 14.45
N LYS A 46 11.13 -33.85 15.26
CA LYS A 46 10.77 -35.28 15.21
C LYS A 46 9.31 -35.39 15.58
N THR A 47 8.89 -34.61 16.57
CA THR A 47 7.50 -34.67 16.99
C THR A 47 6.57 -34.18 15.88
N VAL A 48 7.02 -33.16 15.16
CA VAL A 48 6.23 -32.62 14.06
C VAL A 48 6.03 -33.65 12.97
N ILE A 49 7.12 -34.29 12.57
CA ILE A 49 7.06 -35.27 11.49
C ILE A 49 6.10 -36.38 11.86
N ASP A 50 6.16 -36.78 13.12
CA ASP A 50 5.34 -37.87 13.60
C ASP A 50 3.87 -37.43 13.73
N LEU A 51 3.66 -36.18 14.15
CA LEU A 51 2.31 -35.65 14.33
C LEU A 51 1.58 -35.61 12.99
N PHE A 52 2.30 -35.31 11.90
CA PHE A 52 1.64 -35.22 10.59
C PHE A 52 1.22 -36.59 10.06
N GLN A 53 1.75 -37.67 10.66
CA GLN A 53 1.37 -39.01 10.26
C GLN A 53 0.33 -39.59 11.20
N ARG A 54 -0.40 -38.71 11.88
CA ARG A 54 -1.53 -39.15 12.67
C ARG A 54 -2.70 -39.46 11.72
N PRO A 55 -3.67 -40.25 12.18
CA PRO A 55 -4.85 -40.48 11.33
C PRO A 55 -5.51 -39.19 10.91
N TYR A 56 -5.89 -39.10 9.64
CA TYR A 56 -6.56 -37.92 9.14
C TYR A 56 -7.70 -37.55 10.06
N GLU A 57 -8.41 -38.54 10.56
CA GLU A 57 -9.61 -38.23 11.31
C GLU A 57 -9.23 -37.67 12.68
N VAL A 58 -8.00 -37.90 13.11
CA VAL A 58 -7.50 -37.30 14.35
C VAL A 58 -7.07 -35.85 14.10
N LYS A 59 -6.29 -35.64 13.03
CA LYS A 59 -5.83 -34.31 12.64
C LYS A 59 -6.98 -33.32 12.49
N VAL A 60 -8.07 -33.77 11.91
CA VAL A 60 -9.23 -32.92 11.70
C VAL A 60 -9.76 -32.39 13.05
N ARG A 61 -9.35 -33.03 14.15
CA ARG A 61 -9.81 -32.60 15.47
C ARG A 61 -9.15 -31.29 15.92
N ASN A 62 -8.08 -30.90 15.22
CA ASN A 62 -7.37 -29.69 15.52
C ASN A 62 -8.19 -28.54 15.00
N THR A 63 -9.10 -28.06 15.85
CA THR A 63 -10.12 -27.14 15.43
C THR A 63 -9.58 -25.73 15.46
N ASP A 64 -10.12 -24.89 14.58
CA ASP A 64 -9.80 -23.47 14.58
C ASP A 64 -10.20 -22.91 15.94
N VAL A 65 -9.43 -21.94 16.43
CA VAL A 65 -9.88 -21.07 17.51
C VAL A 65 -10.00 -19.71 16.88
N LEU A 66 -8.94 -19.33 16.17
CA LEU A 66 -8.95 -18.20 15.27
C LEU A 66 -9.04 -18.77 13.86
N LEU A 67 -9.68 -18.04 12.95
CA LEU A 67 -9.81 -18.52 11.58
C LEU A 67 -8.41 -18.78 10.99
N GLY A 68 -8.11 -20.05 10.73
CA GLY A 68 -6.85 -20.42 10.14
C GLY A 68 -5.97 -21.14 11.14
N SER A 69 -6.27 -20.97 12.43
CA SER A 69 -5.59 -21.72 13.47
C SER A 69 -6.03 -23.17 13.27
N GLY A 70 -5.35 -24.15 13.78
CA GLY A 70 -5.84 -25.50 13.55
C GLY A 70 -5.63 -26.05 12.13
N TYR A 71 -6.16 -27.24 11.88
CA TYR A 71 -5.77 -28.02 10.70
C TYR A 71 -6.19 -27.51 9.31
N ARG A 72 -5.28 -27.63 8.35
CA ARG A 72 -5.62 -27.39 6.94
C ARG A 72 -4.95 -28.46 6.11
N ALA A 73 -5.75 -29.23 5.40
CA ALA A 73 -5.25 -30.24 4.47
C ALA A 73 -5.00 -29.56 3.15
N PRO A 74 -4.08 -30.11 2.35
CA PRO A 74 -3.84 -29.53 1.01
C PRO A 74 -5.12 -29.49 0.18
N ASN A 75 -5.24 -28.51 -0.68
CA ASN A 75 -6.43 -28.42 -1.51
C ASN A 75 -6.04 -27.81 -2.82
N GLU A 76 -6.99 -27.31 -3.59
CA GLU A 76 -6.62 -26.85 -4.93
C GLU A 76 -6.17 -25.38 -4.95
N ILE A 77 -6.43 -24.64 -3.86
CA ILE A 77 -5.82 -23.34 -3.69
C ILE A 77 -4.31 -23.47 -3.51
N ASN A 78 -3.88 -24.22 -2.48
CA ASN A 78 -2.47 -24.50 -2.25
C ASN A 78 -2.31 -25.97 -1.94
N PRO A 79 -1.98 -26.72 -2.97
CA PRO A 79 -1.94 -28.18 -3.00
C PRO A 79 -0.75 -28.81 -2.31
N TYR A 80 0.30 -28.05 -2.03
CA TYR A 80 1.52 -28.67 -1.54
C TYR A 80 1.68 -28.50 -0.05
N TYR A 81 0.63 -28.06 0.64
CA TYR A 81 0.77 -27.52 1.98
C TYR A 81 -0.21 -28.16 2.94
N GLU A 82 0.30 -28.59 4.10
CA GLU A 82 -0.50 -29.16 5.15
C GLU A 82 -0.09 -28.53 6.48
N ALA A 83 -1.03 -28.24 7.37
CA ALA A 83 -0.63 -27.54 8.59
C ALA A 83 -1.50 -27.83 9.81
N LEU A 84 -0.87 -27.73 10.98
CA LEU A 84 -1.52 -27.84 12.27
C LEU A 84 -1.06 -26.71 13.22
N GLY A 85 -1.84 -26.43 14.26
CA GLY A 85 -1.41 -25.45 15.23
C GLY A 85 -2.40 -25.03 16.31
N LEU A 86 -1.96 -24.13 17.16
CA LEU A 86 -2.81 -23.63 18.22
C LEU A 86 -2.68 -22.14 18.47
N TYR A 87 -3.79 -21.55 18.93
CA TYR A 87 -3.83 -20.16 19.34
C TYR A 87 -3.54 -20.02 20.86
N ASP A 88 -2.98 -18.89 21.25
CA ASP A 88 -2.55 -18.62 22.62
C ASP A 88 -1.55 -19.66 23.09
N MET A 89 -0.41 -19.63 22.42
CA MET A 89 0.67 -20.56 22.63
C MET A 89 1.30 -20.41 24.01
N ALA A 90 1.08 -19.26 24.64
CA ALA A 90 1.65 -18.99 25.97
C ALA A 90 0.88 -19.69 27.08
N SER A 91 -0.30 -20.18 26.76
CA SER A 91 -1.18 -20.85 27.72
C SER A 91 -0.97 -22.37 27.72
N PRO A 92 -0.49 -22.91 28.87
CA PRO A 92 -0.25 -24.36 28.96
C PRO A 92 -1.54 -25.14 28.72
N HIS A 93 -2.66 -24.51 29.05
CA HIS A 93 -3.93 -25.12 28.73
C HIS A 93 -4.13 -25.26 27.24
N ALA A 94 -3.89 -24.18 26.49
CA ALA A 94 -4.02 -24.21 25.03
C ALA A 94 -3.12 -25.25 24.39
N VAL A 95 -1.90 -25.35 24.91
CA VAL A 95 -0.94 -26.29 24.39
C VAL A 95 -1.39 -27.71 24.69
N ASN A 96 -1.89 -27.93 25.91
CA ASN A 96 -2.39 -29.23 26.31
C ASN A 96 -3.60 -29.65 25.51
N THR A 97 -4.45 -28.69 25.23
CA THR A 97 -5.64 -28.98 24.46
C THR A 97 -5.21 -29.48 23.08
N PHE A 98 -4.19 -28.83 22.52
CA PHE A 98 -3.69 -29.19 21.22
C PHE A 98 -3.16 -30.62 21.26
N CYS A 99 -2.49 -30.94 22.36
CA CYS A 99 -1.92 -32.25 22.52
C CYS A 99 -3.00 -33.29 22.77
N ASP A 100 -4.06 -32.90 23.46
CA ASP A 100 -5.21 -33.77 23.63
C ASP A 100 -5.82 -34.03 22.26
N GLN A 101 -5.98 -32.98 21.45
CA GLN A 101 -6.57 -33.13 20.11
C GLN A 101 -5.78 -34.07 19.21
N LEU A 102 -4.46 -34.01 19.25
CA LEU A 102 -3.63 -34.82 18.37
C LEU A 102 -3.14 -36.08 19.00
N GLU A 103 -3.64 -36.36 20.20
CA GLU A 103 -3.32 -37.60 20.90
C GLU A 103 -1.82 -37.75 20.96
N ALA A 104 -1.15 -36.69 21.39
CA ALA A 104 0.29 -36.73 21.47
C ALA A 104 0.65 -37.68 22.60
N SER A 105 1.83 -38.28 22.53
CA SER A 105 2.26 -39.07 23.64
C SER A 105 2.53 -38.14 24.83
N ALA A 106 2.69 -38.69 26.01
CA ALA A 106 3.06 -37.89 27.17
C ALA A 106 4.42 -37.22 26.93
N ASP A 107 5.28 -37.94 26.25
CA ASP A 107 6.63 -37.48 26.00
C ASP A 107 6.60 -36.34 25.01
N GLN A 108 5.76 -36.53 23.98
CA GLN A 108 5.50 -35.53 22.99
C GLN A 108 4.88 -34.31 23.62
N ARG A 109 3.96 -34.54 24.54
CA ARG A 109 3.26 -33.46 25.19
C ARG A 109 4.26 -32.54 25.81
N GLU A 110 5.21 -33.12 26.49
CA GLU A 110 6.03 -32.25 27.29
C GLU A 110 7.15 -31.66 26.46
N ILE A 111 7.45 -32.26 25.30
CA ILE A 111 8.28 -31.61 24.29
C ILE A 111 7.65 -30.30 23.81
N MET A 112 6.34 -30.32 23.60
CA MET A 112 5.60 -29.19 23.11
C MET A 112 5.56 -28.09 24.17
N VAL A 113 5.34 -28.49 25.42
CA VAL A 113 5.27 -27.53 26.52
C VAL A 113 6.58 -26.74 26.66
N LYS A 114 7.68 -27.46 26.52
CA LYS A 114 8.98 -26.91 26.73
C LYS A 114 9.38 -26.04 25.56
N TYR A 115 9.04 -26.50 24.35
CA TYR A 115 9.31 -25.75 23.14
C TYR A 115 8.58 -24.39 23.14
N ALA A 116 7.27 -24.44 23.36
CA ALA A 116 6.45 -23.26 23.47
C ALA A 116 6.98 -22.27 24.48
N LYS A 117 7.44 -22.76 25.63
CA LYS A 117 7.87 -21.83 26.66
C LYS A 117 9.20 -21.21 26.25
N ALA A 118 10.04 -22.00 25.61
CA ALA A 118 11.33 -21.55 25.15
C ALA A 118 11.17 -20.54 24.00
N ILE A 119 10.35 -20.89 23.02
CA ILE A 119 10.23 -20.09 21.83
C ILE A 119 9.56 -18.78 22.12
N ASN A 120 8.62 -18.83 23.05
CA ASN A 120 7.85 -17.66 23.43
C ASN A 120 8.70 -16.73 24.31
N GLY A 121 9.72 -17.29 24.93
CA GLY A 121 10.63 -16.48 25.70
C GLY A 121 11.56 -15.74 24.77
N LEU A 122 12.03 -16.42 23.73
CA LEU A 122 12.88 -15.81 22.71
C LEU A 122 12.11 -14.65 22.04
N ALA A 123 10.81 -14.86 21.80
CA ALA A 123 9.93 -13.86 21.22
C ALA A 123 9.72 -12.61 22.04
N THR A 124 9.46 -12.79 23.31
CA THR A 124 9.29 -11.64 24.20
C THR A 124 10.63 -10.91 24.31
N ASP A 125 11.71 -11.69 24.37
CA ASP A 125 13.02 -11.11 24.46
C ASP A 125 13.33 -10.22 23.22
N LEU A 126 13.05 -10.74 22.03
CA LEU A 126 13.35 -10.03 20.80
C LEU A 126 12.50 -8.77 20.74
N ALA A 127 11.22 -8.88 21.09
CA ALA A 127 10.33 -7.75 21.04
C ALA A 127 10.82 -6.62 21.95
N ARG A 128 11.34 -6.98 23.11
CA ARG A 128 11.77 -6.00 24.10
C ARG A 128 13.02 -5.32 23.62
N LYS A 129 13.89 -6.09 22.98
CA LYS A 129 15.08 -5.50 22.38
C LYS A 129 14.70 -4.46 21.29
N LEU A 130 13.65 -4.72 20.51
CA LEU A 130 13.14 -3.76 19.56
C LEU A 130 12.68 -2.49 20.28
N ALA A 131 12.03 -2.65 21.43
CA ALA A 131 11.57 -1.45 22.12
C ALA A 131 12.79 -0.70 22.62
N GLU A 132 13.78 -1.47 22.99
CA GLU A 132 14.96 -0.87 23.57
C GLU A 132 15.76 -0.16 22.51
N SER A 133 15.67 -0.61 21.27
CA SER A 133 16.51 -0.04 20.22
C SER A 133 16.03 1.35 19.82
N TYR A 134 14.81 1.68 20.23
CA TYR A 134 14.23 2.97 19.96
C TYR A 134 14.22 3.85 21.21
N GLY A 135 14.77 3.33 22.30
CA GLY A 135 14.76 4.01 23.60
C GLY A 135 13.35 4.29 24.12
N LEU A 136 12.45 3.34 23.95
CA LEU A 136 11.08 3.52 24.38
C LEU A 136 10.96 3.27 25.88
N VAL A 137 9.99 3.95 26.47
CA VAL A 137 9.59 3.74 27.85
C VAL A 137 8.80 2.44 27.94
N GLU A 138 7.92 2.20 26.95
CA GLU A 138 6.97 1.07 26.96
C GLU A 138 7.63 -0.25 26.64
N THR A 139 8.60 -0.65 27.44
CA THR A 139 9.38 -1.82 27.13
C THR A 139 8.61 -3.11 27.39
N ASP A 140 7.33 -2.96 27.72
CA ASP A 140 6.42 -4.08 28.03
C ASP A 140 5.20 -4.18 27.13
N PHE A 141 5.22 -3.46 25.99
CA PHE A 141 4.07 -3.26 25.13
C PHE A 141 3.33 -4.50 24.68
N PHE A 142 4.04 -5.63 24.71
CA PHE A 142 3.55 -6.88 24.15
C PHE A 142 3.03 -7.86 25.20
N LYS A 143 3.04 -7.46 26.48
CA LYS A 143 2.91 -8.41 27.58
C LYS A 143 1.59 -9.13 27.61
N GLU A 144 0.59 -8.56 26.96
CA GLU A 144 -0.70 -9.22 26.86
C GLU A 144 -0.98 -9.78 25.46
N TRP A 145 -0.01 -9.67 24.56
CA TRP A 145 -0.19 -10.16 23.21
C TRP A 145 -0.10 -11.69 23.13
N PRO A 146 -1.10 -12.29 22.49
CA PRO A 146 -1.07 -13.73 22.32
C PRO A 146 -0.15 -14.17 21.18
N SER A 147 0.31 -15.40 21.27
CA SER A 147 1.09 -16.04 20.23
C SER A 147 0.32 -17.18 19.63
N GLN A 148 0.72 -17.55 18.41
CA GLN A 148 0.10 -18.62 17.68
C GLN A 148 1.20 -19.55 17.22
N PHE A 149 0.96 -20.85 17.35
CA PHE A 149 1.89 -21.89 16.96
C PHE A 149 1.37 -22.54 15.69
N ARG A 150 2.27 -22.83 14.75
CA ARG A 150 1.83 -23.46 13.53
C ARG A 150 2.96 -24.28 12.93
N ILE A 151 2.68 -25.56 12.70
CA ILE A 151 3.68 -26.46 12.15
C ILE A 151 3.21 -26.80 10.77
N ASN A 152 4.15 -26.92 9.84
CA ASN A 152 3.79 -27.04 8.44
C ASN A 152 4.48 -28.20 7.74
N LYS A 153 3.76 -28.89 6.87
CA LYS A 153 4.30 -29.96 6.02
C LYS A 153 4.14 -29.67 4.54
N TYR A 154 5.25 -29.47 3.85
CA TYR A 154 5.21 -29.20 2.41
C TYR A 154 5.49 -30.45 1.58
N HIS A 155 4.56 -30.75 0.68
CA HIS A 155 4.71 -31.88 -0.23
C HIS A 155 5.03 -31.43 -1.66
N PHE A 156 6.30 -31.47 -2.04
CA PHE A 156 6.67 -31.05 -3.41
C PHE A 156 6.90 -32.26 -4.31
N LYS A 157 6.21 -32.31 -5.46
CA LYS A 157 6.39 -33.43 -6.38
C LYS A 157 7.19 -32.97 -7.59
N PRO A 158 7.58 -33.90 -8.50
CA PRO A 158 8.55 -33.49 -9.51
C PRO A 158 7.97 -32.38 -10.37
N GLU A 159 6.64 -32.41 -10.49
CA GLU A 159 5.91 -31.37 -11.15
C GLU A 159 6.23 -30.01 -10.50
N THR A 160 6.22 -29.95 -9.17
CA THR A 160 6.42 -28.68 -8.48
C THR A 160 7.82 -28.04 -8.61
N VAL A 161 8.88 -28.83 -8.74
CA VAL A 161 10.24 -28.27 -8.75
C VAL A 161 10.48 -27.28 -9.90
N GLY A 162 11.11 -26.17 -9.54
CA GLY A 162 11.34 -25.06 -10.46
C GLY A 162 10.32 -23.96 -10.22
N LYS A 163 9.14 -24.34 -9.70
CA LYS A 163 8.06 -23.41 -9.41
C LYS A 163 7.99 -23.13 -7.91
N LEU A 164 6.88 -22.54 -7.45
CA LEU A 164 6.78 -22.15 -6.03
C LEU A 164 5.94 -23.14 -5.26
N GLY A 165 5.99 -23.05 -3.93
CA GLY A 165 5.22 -23.91 -3.04
C GLY A 165 4.17 -23.14 -2.26
N VAL A 166 4.53 -21.90 -1.90
CA VAL A 166 3.61 -20.91 -1.34
C VAL A 166 3.87 -19.56 -2.04
N GLN A 167 2.81 -18.79 -2.31
CA GLN A 167 2.98 -17.51 -2.99
C GLN A 167 3.43 -16.44 -2.00
N LEU A 168 3.81 -15.31 -2.59
CA LEU A 168 4.44 -14.19 -1.94
C LEU A 168 3.45 -13.54 -0.97
N HIS A 169 3.90 -13.23 0.25
CA HIS A 169 3.01 -12.74 1.29
C HIS A 169 3.74 -12.13 2.52
N THR A 170 2.96 -11.49 3.39
CA THR A 170 3.50 -10.97 4.64
C THR A 170 2.80 -11.61 5.82
N ASP A 171 3.53 -11.88 6.90
CA ASP A 171 2.84 -12.38 8.10
C ASP A 171 1.97 -11.26 8.69
N SER A 172 0.83 -11.59 9.27
CA SER A 172 -0.06 -10.53 9.70
C SER A 172 0.27 -10.05 11.12
N GLY A 173 1.07 -10.83 11.84
CA GLY A 173 1.39 -10.52 13.23
C GLY A 173 2.52 -9.56 13.40
N PHE A 174 3.09 -9.55 14.60
CA PHE A 174 4.16 -8.60 14.88
C PHE A 174 5.46 -9.23 14.44
N LEU A 175 5.70 -10.41 15.00
CA LEU A 175 6.99 -11.06 14.92
C LEU A 175 6.85 -12.56 14.69
N THR A 176 7.67 -13.12 13.82
CA THR A 176 7.63 -14.56 13.59
C THR A 176 9.00 -15.19 13.82
N ILE A 177 9.01 -16.31 14.54
CA ILE A 177 10.20 -17.12 14.72
C ILE A 177 10.01 -18.43 13.93
N LEU A 178 10.91 -18.68 13.00
CA LEU A 178 10.73 -19.80 12.11
C LEU A 178 11.83 -20.79 12.31
N GLN A 179 11.46 -22.04 12.56
CA GLN A 179 12.45 -23.09 12.54
C GLN A 179 12.32 -23.80 11.17
N ASP A 180 13.19 -23.44 10.24
CA ASP A 180 13.06 -23.92 8.86
C ASP A 180 13.46 -25.37 8.78
N ASP A 181 13.54 -25.88 7.56
CA ASP A 181 13.83 -27.27 7.36
C ASP A 181 15.32 -27.40 7.08
N GLU A 182 15.97 -28.19 7.93
CA GLU A 182 17.42 -28.25 8.04
C GLU A 182 18.06 -28.58 6.71
N ASN A 183 17.47 -29.57 6.05
CA ASN A 183 18.00 -30.08 4.80
C ASN A 183 17.12 -29.88 3.59
N VAL A 184 16.18 -28.94 3.65
CA VAL A 184 15.44 -28.60 2.44
C VAL A 184 15.28 -27.08 2.38
N GLY A 185 16.03 -26.42 1.50
CA GLY A 185 15.96 -24.98 1.40
C GLY A 185 14.82 -24.48 0.52
N GLY A 186 14.75 -23.17 0.33
CA GLY A 186 13.72 -22.60 -0.53
C GLY A 186 13.03 -21.30 -0.12
N LEU A 187 13.13 -20.91 1.15
CA LEU A 187 12.49 -19.68 1.61
C LEU A 187 13.13 -18.44 0.96
N GLU A 188 12.31 -17.57 0.37
CA GLU A 188 12.84 -16.35 -0.22
C GLU A 188 12.05 -15.15 0.22
N ALA A 189 12.69 -14.00 0.17
CA ALA A 189 12.10 -12.76 0.63
C ALA A 189 12.46 -11.67 -0.36
N MET A 190 11.60 -10.67 -0.49
CA MET A 190 11.89 -9.64 -1.47
C MET A 190 12.49 -8.38 -0.87
N ASP A 191 13.53 -7.87 -1.51
CA ASP A 191 14.12 -6.59 -1.13
C ASP A 191 13.25 -5.51 -1.71
N ASN A 192 12.51 -4.82 -0.85
CA ASN A 192 11.60 -3.74 -1.25
C ASN A 192 12.24 -2.67 -2.14
N SER A 193 13.52 -2.37 -1.90
CA SER A 193 14.24 -1.37 -2.70
C SER A 193 14.38 -1.84 -4.14
N SER A 194 15.16 -2.90 -4.34
CA SER A 194 15.39 -3.43 -5.66
C SER A 194 14.14 -4.04 -6.28
N GLY A 195 13.47 -4.92 -5.53
CA GLY A 195 12.30 -5.62 -6.06
C GLY A 195 12.69 -7.06 -6.28
N THR A 196 14.00 -7.30 -6.19
CA THR A 196 14.59 -8.62 -6.37
C THR A 196 14.42 -9.47 -5.09
N PHE A 197 14.52 -10.79 -5.25
CA PHE A 197 14.49 -11.70 -4.13
C PHE A 197 15.87 -12.14 -3.71
N PHE A 198 15.96 -12.60 -2.45
CA PHE A 198 17.18 -13.15 -1.91
C PHE A 198 16.72 -14.36 -1.10
N PRO A 199 17.58 -15.38 -0.98
CA PRO A 199 17.16 -16.61 -0.30
C PRO A 199 17.37 -16.57 1.22
N ILE A 200 16.54 -17.29 1.96
CA ILE A 200 16.80 -17.49 3.38
C ILE A 200 17.10 -18.96 3.60
N ASP A 201 18.31 -19.34 3.23
CA ASP A 201 18.79 -20.70 3.41
C ASP A 201 18.84 -21.13 4.86
N PRO A 202 18.42 -22.36 5.13
CA PRO A 202 18.36 -22.99 6.46
C PRO A 202 19.73 -23.30 7.06
N LEU A 203 20.35 -22.33 7.73
CA LEU A 203 21.63 -22.55 8.38
C LEU A 203 21.43 -23.28 9.71
N PRO A 204 22.04 -24.46 9.87
CA PRO A 204 21.93 -25.34 11.05
C PRO A 204 21.98 -24.59 12.39
N ASN A 205 21.10 -25.00 13.31
CA ASN A 205 20.98 -24.42 14.67
C ASN A 205 20.57 -22.96 14.79
N THR A 206 20.33 -22.30 13.68
CA THR A 206 19.87 -20.95 13.73
C THR A 206 18.35 -20.94 13.67
N LEU A 207 17.76 -19.80 14.03
CA LEU A 207 16.33 -19.55 13.90
C LEU A 207 16.13 -18.30 13.03
N ALA A 208 15.10 -18.31 12.20
CA ALA A 208 14.82 -17.18 11.32
C ALA A 208 13.74 -16.30 11.93
N ILE A 209 13.95 -14.99 11.89
CA ILE A 209 13.01 -14.05 12.46
C ILE A 209 12.50 -13.13 11.40
N ASN A 210 11.20 -12.93 11.31
CA ASN A 210 10.74 -11.86 10.42
C ASN A 210 9.62 -11.08 11.06
N LEU A 211 9.42 -9.90 10.52
CA LEU A 211 8.50 -8.95 11.06
C LEU A 211 7.25 -8.98 10.23
N GLY A 212 6.09 -8.84 10.86
CA GLY A 212 4.84 -8.81 10.12
C GLY A 212 4.16 -7.46 10.15
N ASP A 213 2.93 -7.46 9.60
CA ASP A 213 2.15 -6.24 9.41
C ASP A 213 1.97 -5.46 10.70
N MET A 214 1.76 -6.16 11.82
CA MET A 214 1.56 -5.47 13.11
C MET A 214 2.79 -4.64 13.49
N ALA A 215 3.98 -5.12 13.16
CA ALA A 215 5.19 -4.41 13.52
C ALA A 215 5.28 -3.11 12.72
N THR A 216 4.84 -3.17 11.47
CA THR A 216 4.87 -1.97 10.65
C THR A 216 3.89 -0.97 11.23
N ILE A 217 2.72 -1.43 11.66
CA ILE A 217 1.72 -0.51 12.17
C ILE A 217 2.21 0.13 13.46
N TRP A 218 2.65 -0.72 14.37
CA TRP A 218 3.14 -0.32 15.69
C TRP A 218 4.30 0.67 15.60
N SER A 219 5.19 0.47 14.64
CA SER A 219 6.36 1.32 14.46
C SER A 219 6.10 2.49 13.48
N ASN A 220 4.83 2.72 13.17
CA ASN A 220 4.40 3.76 12.24
C ASN A 220 5.18 3.70 10.93
N GLY A 221 5.44 2.49 10.45
CA GLY A 221 6.05 2.32 9.15
C GLY A 221 7.57 2.19 9.18
N ARG A 222 8.19 2.20 10.36
CA ARG A 222 9.63 2.05 10.36
C ARG A 222 10.07 0.60 10.17
N LEU A 223 9.33 -0.34 10.75
CA LEU A 223 9.68 -1.74 10.64
C LEU A 223 9.12 -2.33 9.36
N CYS A 224 9.93 -3.12 8.67
CA CYS A 224 9.54 -3.69 7.40
C CYS A 224 8.80 -5.01 7.52
N ASN A 225 7.56 -5.06 7.04
CA ASN A 225 6.85 -6.34 7.00
C ASN A 225 7.25 -7.10 5.73
N VAL A 226 8.28 -7.93 5.86
CA VAL A 226 8.92 -8.51 4.70
C VAL A 226 7.95 -9.39 3.87
N LYS A 227 8.06 -9.29 2.55
CA LYS A 227 7.33 -10.22 1.69
C LYS A 227 8.21 -11.41 1.41
N HIS A 228 7.66 -12.58 1.65
CA HIS A 228 8.42 -13.78 1.47
C HIS A 228 7.60 -14.87 0.79
N ARG A 229 8.30 -15.85 0.25
CA ARG A 229 7.65 -17.03 -0.26
C ARG A 229 8.62 -18.21 -0.13
N VAL A 230 8.08 -19.43 -0.20
CA VAL A 230 8.92 -20.61 -0.27
C VAL A 230 8.80 -21.19 -1.67
N GLN A 231 9.95 -21.38 -2.30
CA GLN A 231 10.01 -21.91 -3.65
C GLN A 231 10.55 -23.33 -3.67
N CYS A 232 9.89 -24.20 -4.44
CA CYS A 232 10.32 -25.58 -4.49
C CYS A 232 11.59 -25.69 -5.34
N LYS A 233 12.66 -26.19 -4.72
CA LYS A 233 13.94 -26.34 -5.41
C LYS A 233 14.28 -27.81 -5.60
N GLU A 234 13.53 -28.68 -4.93
CA GLU A 234 13.62 -30.11 -5.15
C GLU A 234 12.34 -30.79 -4.66
N ALA A 235 11.95 -31.86 -5.33
CA ALA A 235 10.71 -32.57 -5.02
C ALA A 235 10.90 -33.53 -3.85
N THR A 236 10.94 -32.97 -2.64
CA THR A 236 11.07 -33.76 -1.43
C THR A 236 10.00 -33.31 -0.44
N MET A 237 9.96 -33.97 0.72
CA MET A 237 9.10 -33.54 1.81
C MET A 237 9.79 -32.42 2.59
N ARG A 238 9.02 -31.59 3.29
CA ARG A 238 9.61 -30.44 3.95
C ARG A 238 8.79 -30.00 5.17
N TYR A 239 9.49 -29.77 6.28
CA TYR A 239 8.82 -29.45 7.52
C TYR A 239 9.33 -28.11 8.06
N SER A 240 8.46 -27.29 8.63
CA SER A 240 8.91 -26.04 9.25
C SER A 240 8.03 -25.74 10.45
N ILE A 241 8.60 -25.11 11.44
CA ILE A 241 7.86 -24.76 12.62
C ILE A 241 7.85 -23.27 12.81
N ALA A 242 6.68 -22.67 12.97
CA ALA A 242 6.57 -21.21 13.11
C ALA A 242 5.80 -20.80 14.35
N SER A 243 6.32 -19.79 15.06
CA SER A 243 5.65 -19.23 16.22
C SER A 243 5.46 -17.78 15.99
N PHE A 244 4.21 -17.35 16.02
CA PHE A 244 3.86 -15.99 15.69
C PHE A 244 3.52 -15.20 16.95
N LEU A 245 4.23 -14.12 17.20
CA LEU A 245 3.76 -13.14 18.19
C LEU A 245 2.78 -12.25 17.46
N LEU A 246 1.52 -12.25 17.87
CA LEU A 246 0.50 -11.47 17.18
C LEU A 246 0.33 -10.08 17.79
N GLY A 247 -0.49 -9.25 17.19
CA GLY A 247 -0.81 -7.99 17.81
C GLY A 247 -1.80 -8.23 18.93
N PRO A 248 -2.28 -7.15 19.55
CA PRO A 248 -3.28 -7.34 20.58
C PRO A 248 -4.56 -7.80 19.87
N MET A 249 -5.43 -8.56 20.52
CA MET A 249 -6.56 -9.14 19.80
C MET A 249 -7.91 -8.49 20.15
N ASP A 250 -8.05 -8.04 21.39
CA ASP A 250 -9.22 -7.28 21.82
C ASP A 250 -9.20 -5.83 21.34
N THR A 251 -8.06 -5.18 21.55
CA THR A 251 -7.86 -3.78 21.19
C THR A 251 -7.57 -3.63 19.70
N ASP A 252 -7.25 -2.40 19.30
CA ASP A 252 -6.76 -2.14 17.97
C ASP A 252 -5.36 -1.59 18.15
N LEU A 253 -4.49 -1.99 17.24
CA LEU A 253 -3.09 -1.67 17.37
C LEU A 253 -2.86 -0.25 16.88
N GLU A 254 -2.48 0.66 17.76
CA GLU A 254 -1.95 1.92 17.27
C GLU A 254 -0.64 2.25 17.97
N PRO A 255 0.21 3.05 17.32
CA PRO A 255 1.59 3.16 17.81
C PRO A 255 1.82 3.90 19.12
N PRO A 256 2.87 3.49 19.87
CA PRO A 256 3.40 4.37 20.91
C PRO A 256 3.58 5.74 20.29
N SER A 257 3.19 6.81 20.97
CA SER A 257 3.12 8.08 20.26
C SER A 257 4.51 8.62 19.93
N GLU A 258 5.54 7.99 20.48
CA GLU A 258 6.93 8.34 20.18
C GLU A 258 7.25 8.18 18.69
N PHE A 259 6.47 7.33 18.01
CA PHE A 259 6.71 7.03 16.61
C PHE A 259 6.01 8.02 15.66
N VAL A 260 4.95 8.67 16.13
CA VAL A 260 4.21 9.61 15.29
C VAL A 260 4.67 11.06 15.45
N ASP A 261 5.25 11.59 14.38
CA ASP A 261 5.80 12.94 14.38
C ASP A 261 5.25 13.73 13.21
N ALA A 262 5.79 14.91 12.97
CA ALA A 262 5.38 15.69 11.82
C ALA A 262 6.15 15.18 10.60
N GLU A 263 7.15 14.34 10.84
CA GLU A 263 7.91 13.68 9.79
C GLU A 263 7.52 12.21 9.67
N HIS A 264 6.63 11.79 10.58
CA HIS A 264 6.09 10.44 10.54
C HIS A 264 4.61 10.58 10.80
N PRO A 265 3.87 11.04 9.79
CA PRO A 265 2.43 11.19 9.98
C PRO A 265 1.79 9.81 10.10
N ARG A 266 0.66 9.67 10.79
CA ARG A 266 0.06 8.36 11.00
C ARG A 266 -0.32 7.64 9.72
N LEU A 267 -0.49 6.32 9.83
CA LEU A 267 -0.86 5.46 8.72
C LEU A 267 -2.27 4.90 8.91
N MET B 1 14.25 18.53 -14.22
CA MET B 1 13.47 17.37 -13.79
C MET B 1 12.29 17.87 -13.00
N ILE B 2 12.57 18.40 -11.82
CA ILE B 2 11.60 19.15 -11.03
C ILE B 2 11.40 20.54 -11.65
N PRO B 3 10.16 20.93 -11.90
CA PRO B 3 10.04 22.23 -12.55
C PRO B 3 10.15 23.44 -11.63
N THR B 4 10.68 24.54 -12.17
CA THR B 4 10.73 25.79 -11.43
C THR B 4 9.74 26.71 -12.07
N ILE B 5 8.69 27.03 -11.34
CA ILE B 5 7.61 27.79 -11.89
C ILE B 5 7.76 29.24 -11.45
N ASP B 6 7.56 30.13 -12.41
CA ASP B 6 7.66 31.59 -12.25
C ASP B 6 6.32 32.17 -11.85
N LEU B 7 6.22 32.69 -10.63
CA LEU B 7 4.90 33.15 -10.15
C LEU B 7 4.46 34.51 -10.65
N GLU B 8 5.36 35.22 -11.33
CA GLU B 8 5.03 36.51 -11.89
C GLU B 8 4.80 36.36 -13.39
N GLU B 9 4.57 35.10 -13.78
CA GLU B 9 4.11 34.71 -15.10
C GLU B 9 2.87 35.51 -15.44
N VAL B 10 2.89 36.07 -16.63
CA VAL B 10 1.86 36.99 -17.04
C VAL B 10 0.48 36.35 -17.24
N SER B 11 0.44 35.17 -17.82
CA SER B 11 -0.87 34.61 -18.17
C SER B 11 -1.42 33.66 -17.12
N ASP B 12 -2.61 34.01 -16.65
CA ASP B 12 -3.29 33.26 -15.61
C ASP B 12 -3.46 31.82 -16.02
N LYS B 13 -3.71 31.60 -17.31
CA LYS B 13 -4.03 30.26 -17.75
C LYS B 13 -2.75 29.44 -17.96
N ILE B 14 -1.67 30.08 -18.40
CA ILE B 14 -0.38 29.38 -18.50
C ILE B 14 0.22 29.10 -17.13
N LEU B 15 0.05 30.00 -16.18
CA LEU B 15 0.65 29.79 -14.88
C LEU B 15 0.02 28.59 -14.15
N ASN B 16 -1.31 28.58 -14.08
CA ASN B 16 -2.01 27.50 -13.42
C ASN B 16 -1.76 26.14 -14.03
N GLN B 17 -1.67 26.11 -15.35
CA GLN B 17 -1.53 24.86 -16.02
C GLN B 17 -0.15 24.29 -15.73
N LYS B 18 0.85 25.16 -15.73
CA LYS B 18 2.20 24.76 -15.38
C LYS B 18 2.18 24.19 -13.94
N ILE B 19 1.46 24.89 -13.07
CA ILE B 19 1.37 24.52 -11.67
C ILE B 19 0.65 23.18 -11.54
N ARG B 20 -0.45 23.03 -12.25
CA ARG B 20 -1.26 21.83 -12.15
C ARG B 20 -0.48 20.62 -12.69
N GLU B 21 0.24 20.83 -13.79
CA GLU B 21 0.90 19.70 -14.41
C GLU B 21 2.06 19.24 -13.55
N ALA B 22 2.73 20.18 -12.89
CA ALA B 22 3.79 19.84 -11.98
C ALA B 22 3.26 19.02 -10.79
N SER B 23 2.09 19.44 -10.32
CA SER B 23 1.47 18.83 -9.17
C SER B 23 0.92 17.45 -9.54
N GLU B 24 0.58 17.27 -10.81
CA GLU B 24 0.07 15.96 -11.20
C GLU B 24 1.20 15.03 -11.55
N ARG B 25 2.27 15.59 -12.09
CA ARG B 25 3.35 14.75 -12.58
C ARG B 25 4.39 14.42 -11.51
N TRP B 26 4.78 15.42 -10.73
CA TRP B 26 5.87 15.28 -9.77
C TRP B 26 5.39 15.49 -8.36
N GLY B 27 4.24 16.14 -8.23
CA GLY B 27 3.72 16.46 -6.93
C GLY B 27 4.56 17.52 -6.23
N CYS B 28 5.46 18.16 -6.96
CA CYS B 28 6.33 19.15 -6.36
C CYS B 28 6.97 20.06 -7.43
N PHE B 29 7.32 21.28 -7.02
CA PHE B 29 7.94 22.26 -7.89
C PHE B 29 8.59 23.41 -7.11
N ARG B 30 9.55 24.08 -7.74
CA ARG B 30 10.16 25.28 -7.17
C ARG B 30 9.41 26.52 -7.60
N VAL B 31 9.46 27.56 -6.78
CA VAL B 31 8.88 28.84 -7.16
C VAL B 31 9.94 29.94 -7.12
N ILE B 32 9.92 30.77 -8.17
CA ILE B 32 10.70 32.01 -8.26
C ILE B 32 9.73 33.18 -8.36
N ASN B 33 10.19 34.36 -7.94
CA ASN B 33 9.32 35.54 -7.86
C ASN B 33 8.06 35.20 -7.06
N HIS B 34 8.28 34.44 -5.99
CA HIS B 34 7.28 34.06 -4.99
C HIS B 34 6.70 35.27 -4.25
N GLY B 35 7.47 36.35 -4.14
CA GLY B 35 6.97 37.52 -3.45
C GLY B 35 7.26 37.57 -1.97
N VAL B 36 7.95 36.58 -1.45
CA VAL B 36 8.38 36.66 -0.08
C VAL B 36 9.74 37.31 -0.04
N SER B 37 9.83 38.38 0.75
CA SER B 37 11.05 39.16 0.92
C SER B 37 12.25 38.30 1.14
N LEU B 38 13.30 38.51 0.38
CA LEU B 38 14.49 37.69 0.56
C LEU B 38 15.09 37.96 1.93
N SER B 39 15.00 39.20 2.40
CA SER B 39 15.55 39.48 3.72
C SER B 39 14.70 38.89 4.86
N LEU B 40 13.37 38.91 4.69
CA LEU B 40 12.52 38.31 5.67
C LEU B 40 12.94 36.85 5.84
N MET B 41 13.19 36.16 4.73
CA MET B 41 13.63 34.76 4.75
C MET B 41 14.96 34.54 5.49
N ALA B 42 15.91 35.43 5.28
CA ALA B 42 17.23 35.31 5.86
C ALA B 42 17.18 35.53 7.36
N GLU B 43 16.33 36.46 7.78
CA GLU B 43 16.15 36.80 9.17
C GLU B 43 15.42 35.68 9.89
N MET B 44 14.56 34.99 9.16
CA MET B 44 13.89 33.87 9.75
C MET B 44 14.91 32.75 9.98
N LYS B 45 15.83 32.57 9.04
CA LYS B 45 16.83 31.55 9.23
C LYS B 45 17.74 31.88 10.43
N LYS B 46 18.09 33.15 10.56
CA LYS B 46 18.91 33.59 11.68
C LYS B 46 18.18 33.32 13.00
N THR B 47 16.89 33.64 13.04
CA THR B 47 16.08 33.42 14.21
C THR B 47 16.00 31.95 14.59
N VAL B 48 15.86 31.10 13.59
CA VAL B 48 15.80 29.68 13.79
C VAL B 48 17.08 29.18 14.42
N ILE B 49 18.22 29.61 13.89
CA ILE B 49 19.47 29.15 14.44
C ILE B 49 19.58 29.55 15.90
N ASP B 50 19.16 30.77 16.19
CA ASP B 50 19.30 31.32 17.52
C ASP B 50 18.29 30.67 18.47
N LEU B 51 17.09 30.40 17.96
CA LEU B 51 16.03 29.78 18.74
C LEU B 51 16.48 28.42 19.21
N PHE B 52 17.23 27.73 18.36
CA PHE B 52 17.69 26.40 18.71
C PHE B 52 18.81 26.45 19.71
N GLN B 53 19.41 27.61 19.90
CA GLN B 53 20.46 27.69 20.89
C GLN B 53 19.94 28.21 22.21
N ARG B 54 18.62 28.19 22.38
CA ARG B 54 18.05 28.54 23.65
C ARG B 54 18.34 27.41 24.63
N PRO B 55 18.27 27.71 25.94
CA PRO B 55 18.39 26.68 26.98
C PRO B 55 17.34 25.59 26.79
N TYR B 56 17.77 24.36 27.04
CA TYR B 56 16.93 23.19 26.97
C TYR B 56 15.60 23.42 27.69
N GLU B 57 15.64 24.09 28.83
CA GLU B 57 14.43 24.29 29.63
C GLU B 57 13.49 25.33 29.00
N VAL B 58 14.03 26.17 28.14
CA VAL B 58 13.19 27.11 27.42
C VAL B 58 12.56 26.40 26.22
N LYS B 59 13.36 25.68 25.47
CA LYS B 59 12.85 24.91 24.34
C LYS B 59 11.69 23.97 24.75
N VAL B 60 11.83 23.30 25.89
CA VAL B 60 10.82 22.37 26.38
C VAL B 60 9.44 23.03 26.61
N ARG B 61 9.44 24.34 26.70
CA ARG B 61 8.20 25.06 26.92
C ARG B 61 7.35 25.08 25.65
N ASN B 62 7.98 24.74 24.53
CA ASN B 62 7.27 24.61 23.26
C ASN B 62 6.52 23.28 23.19
N THR B 63 5.29 23.30 23.69
CA THR B 63 4.48 22.09 23.90
C THR B 63 3.59 21.73 22.73
N ASP B 64 3.28 20.45 22.60
CA ASP B 64 2.38 19.94 21.57
C ASP B 64 1.04 20.61 21.68
N VAL B 65 0.44 20.88 20.53
CA VAL B 65 -0.97 21.27 20.43
C VAL B 65 -1.69 20.17 19.68
N LEU B 66 -1.14 19.82 18.54
CA LEU B 66 -1.45 18.58 17.87
C LEU B 66 -0.24 17.71 18.18
N LEU B 67 -0.40 16.40 18.21
CA LEU B 67 0.75 15.54 18.50
C LEU B 67 1.89 15.83 17.52
N GLY B 68 3.02 16.31 18.03
CA GLY B 68 4.16 16.54 17.16
C GLY B 68 4.43 17.99 16.81
N SER B 69 3.46 18.87 17.06
CA SER B 69 3.57 20.29 16.74
C SER B 69 4.62 21.02 17.56
N GLY B 70 4.77 20.66 18.82
CA GLY B 70 5.76 21.27 19.69
C GLY B 70 7.17 20.71 19.51
N TYR B 71 8.01 20.93 20.53
CA TYR B 71 9.42 20.55 20.56
C TYR B 71 9.72 19.02 20.55
N ARG B 72 10.81 18.64 19.87
CA ARG B 72 11.34 17.30 19.92
C ARG B 72 12.84 17.40 19.99
N ALA B 73 13.43 16.88 21.05
CA ALA B 73 14.87 16.87 21.16
C ALA B 73 15.39 15.62 20.46
N PRO B 74 16.65 15.61 20.04
CA PRO B 74 17.15 14.35 19.47
C PRO B 74 17.06 13.21 20.51
N ASN B 75 16.80 12.00 20.03
CA ASN B 75 16.66 10.83 20.90
C ASN B 75 17.09 9.59 20.14
N GLU B 76 16.72 8.41 20.62
CA GLU B 76 17.28 7.21 20.02
C GLU B 76 16.46 6.75 18.85
N ILE B 77 15.20 7.19 18.79
CA ILE B 77 14.43 7.02 17.58
C ILE B 77 14.97 7.87 16.48
N ASN B 78 15.15 9.15 16.79
CA ASN B 78 15.58 10.12 15.80
C ASN B 78 16.76 10.90 16.31
N PRO B 79 17.95 10.34 16.12
CA PRO B 79 19.16 10.88 16.70
C PRO B 79 19.68 12.14 16.02
N TYR B 80 19.29 12.40 14.78
CA TYR B 80 19.92 13.49 14.05
C TYR B 80 19.06 14.69 13.89
N TYR B 81 17.98 14.76 14.65
CA TYR B 81 16.94 15.68 14.34
C TYR B 81 16.47 16.37 15.62
N GLU B 82 16.32 17.68 15.56
CA GLU B 82 15.74 18.51 16.62
C GLU B 82 14.73 19.45 15.97
N ALA B 83 13.60 19.69 16.62
CA ALA B 83 12.54 20.45 15.99
C ALA B 83 11.67 21.27 16.94
N LEU B 84 11.14 22.39 16.41
CA LEU B 84 10.21 23.28 17.13
C LEU B 84 9.05 23.60 16.19
N GLY B 85 7.92 24.07 16.70
CA GLY B 85 6.83 24.41 15.80
C GLY B 85 5.55 24.90 16.46
N LEU B 86 4.55 25.24 15.64
CA LEU B 86 3.26 25.71 16.16
C LEU B 86 2.11 25.25 15.26
N TYR B 87 0.94 25.04 15.84
CA TYR B 87 -0.25 24.68 15.11
C TYR B 87 -1.02 25.96 14.80
N ASP B 88 -1.83 25.96 13.75
CA ASP B 88 -2.58 27.13 13.31
C ASP B 88 -1.69 28.34 13.09
N MET B 89 -0.89 28.25 12.05
CA MET B 89 0.07 29.28 11.71
C MET B 89 -0.59 30.58 11.24
N ALA B 90 -1.85 30.48 10.82
CA ALA B 90 -2.59 31.62 10.29
C ALA B 90 -3.10 32.59 11.36
N SER B 91 -3.12 32.14 12.62
CA SER B 91 -3.56 32.98 13.74
C SER B 91 -2.37 33.60 14.45
N PRO B 92 -2.27 34.94 14.41
CA PRO B 92 -1.15 35.65 15.04
C PRO B 92 -1.00 35.42 16.55
N HIS B 93 -2.09 35.06 17.24
CA HIS B 93 -1.96 34.77 18.68
C HIS B 93 -1.12 33.51 18.92
N ALA B 94 -1.38 32.46 18.12
CA ALA B 94 -0.59 31.23 18.19
C ALA B 94 0.90 31.49 17.98
N VAL B 95 1.23 32.39 17.06
CA VAL B 95 2.61 32.76 16.77
C VAL B 95 3.21 33.47 17.97
N ASN B 96 2.42 34.35 18.56
CA ASN B 96 2.84 35.09 19.75
C ASN B 96 3.04 34.13 20.93
N THR B 97 2.17 33.13 20.99
CA THR B 97 2.31 32.15 22.05
C THR B 97 3.64 31.45 21.86
N PHE B 98 3.94 31.13 20.60
CA PHE B 98 5.15 30.39 20.29
C PHE B 98 6.34 31.21 20.75
N CYS B 99 6.28 32.51 20.50
CA CYS B 99 7.35 33.45 20.83
C CYS B 99 7.44 33.68 22.35
N ASP B 100 6.31 33.62 23.02
CA ASP B 100 6.30 33.69 24.48
C ASP B 100 7.08 32.53 25.08
N GLN B 101 6.79 31.34 24.58
CA GLN B 101 7.40 30.10 25.05
C GLN B 101 8.89 30.04 24.84
N LEU B 102 9.34 30.56 23.71
CA LEU B 102 10.74 30.43 23.34
C LEU B 102 11.55 31.64 23.76
N GLU B 103 10.87 32.59 24.41
CA GLU B 103 11.50 33.82 24.87
C GLU B 103 12.16 34.56 23.68
N ALA B 104 11.38 34.80 22.65
CA ALA B 104 11.89 35.51 21.47
C ALA B 104 12.11 36.99 21.78
N SER B 105 13.10 37.61 21.14
CA SER B 105 13.29 39.06 21.26
C SER B 105 12.12 39.77 20.57
N ALA B 106 12.00 41.08 20.73
CA ALA B 106 10.97 41.82 20.00
C ALA B 106 11.23 41.67 18.51
N ASP B 107 12.50 41.76 18.12
CA ASP B 107 12.86 41.70 16.72
C ASP B 107 12.55 40.29 16.19
N GLN B 108 12.93 39.28 16.98
CA GLN B 108 12.66 37.89 16.64
C GLN B 108 11.17 37.72 16.56
N ARG B 109 10.42 38.30 17.50
CA ARG B 109 8.96 38.18 17.49
C ARG B 109 8.33 38.70 16.21
N GLU B 110 8.75 39.87 15.73
CA GLU B 110 7.96 40.42 14.64
C GLU B 110 8.43 39.86 13.30
N ILE B 111 9.65 39.35 13.27
CA ILE B 111 10.06 38.55 12.12
C ILE B 111 9.14 37.33 11.89
N MET B 112 8.73 36.69 12.97
CA MET B 112 7.90 35.50 12.89
C MET B 112 6.50 35.83 12.42
N VAL B 113 5.93 36.88 12.98
CA VAL B 113 4.57 37.27 12.64
C VAL B 113 4.52 37.56 11.15
N LYS B 114 5.54 38.25 10.65
CA LYS B 114 5.54 38.68 9.27
C LYS B 114 5.76 37.49 8.34
N TYR B 115 6.74 36.65 8.69
CA TYR B 115 7.05 35.45 7.92
C TYR B 115 5.85 34.53 7.82
N ALA B 116 5.25 34.24 8.97
CA ALA B 116 4.07 33.41 9.06
C ALA B 116 2.99 33.95 8.16
N LYS B 117 2.83 35.27 8.12
CA LYS B 117 1.78 35.85 7.29
C LYS B 117 2.15 35.75 5.81
N ALA B 118 3.41 35.99 5.49
CA ALA B 118 3.83 35.91 4.09
C ALA B 118 3.77 34.47 3.57
N ILE B 119 4.34 33.53 4.32
CA ILE B 119 4.42 32.17 3.82
C ILE B 119 3.01 31.58 3.78
N ASN B 120 2.17 32.01 4.71
CA ASN B 120 0.84 31.44 4.71
C ASN B 120 -0.02 32.08 3.64
N GLY B 121 0.39 33.25 3.17
CA GLY B 121 -0.33 33.89 2.08
C GLY B 121 0.04 33.17 0.80
N LEU B 122 1.32 32.84 0.64
CA LEU B 122 1.76 32.12 -0.54
C LEU B 122 1.06 30.78 -0.66
N ALA B 123 0.95 30.08 0.45
CA ALA B 123 0.30 28.78 0.49
C ALA B 123 -1.18 28.86 0.07
N THR B 124 -1.85 29.91 0.52
CA THR B 124 -3.25 30.09 0.14
C THR B 124 -3.33 30.30 -1.36
N ASP B 125 -2.42 31.10 -1.90
CA ASP B 125 -2.41 31.41 -3.33
C ASP B 125 -2.14 30.16 -4.19
N LEU B 126 -1.14 29.36 -3.84
CA LEU B 126 -0.82 28.20 -4.67
C LEU B 126 -2.01 27.28 -4.77
N ALA B 127 -2.70 27.09 -3.64
CA ALA B 127 -3.89 26.24 -3.56
C ALA B 127 -5.04 26.72 -4.43
N ARG B 128 -5.29 28.03 -4.49
CA ARG B 128 -6.42 28.54 -5.27
C ARG B 128 -6.17 28.32 -6.74
N LYS B 129 -4.91 28.51 -7.15
CA LYS B 129 -4.47 28.29 -8.51
C LYS B 129 -4.71 26.84 -8.95
N LEU B 130 -4.49 25.90 -8.04
CA LEU B 130 -4.77 24.50 -8.34
C LEU B 130 -6.25 24.26 -8.56
N ALA B 131 -7.08 24.90 -7.75
CA ALA B 131 -8.52 24.75 -7.91
C ALA B 131 -8.94 25.37 -9.23
N GLU B 132 -8.28 26.46 -9.58
CA GLU B 132 -8.59 27.20 -10.79
C GLU B 132 -8.15 26.44 -12.02
N SER B 133 -7.13 25.61 -11.87
CA SER B 133 -6.63 24.87 -13.04
C SER B 133 -7.60 23.74 -13.37
N TYR B 134 -8.55 23.48 -12.49
CA TYR B 134 -9.55 22.44 -12.73
C TYR B 134 -10.88 23.09 -13.08
N GLY B 135 -10.88 24.41 -13.12
CA GLY B 135 -12.09 25.17 -13.36
C GLY B 135 -13.10 24.99 -12.25
N LEU B 136 -12.64 25.04 -11.00
CA LEU B 136 -13.57 24.90 -9.89
C LEU B 136 -14.23 26.23 -9.52
N VAL B 137 -15.47 26.12 -9.04
CA VAL B 137 -16.24 27.28 -8.60
C VAL B 137 -15.75 27.88 -7.27
N GLU B 138 -15.64 27.04 -6.23
CA GLU B 138 -15.26 27.45 -4.88
C GLU B 138 -13.76 27.51 -4.67
N THR B 139 -13.07 28.46 -5.26
CA THR B 139 -11.61 28.46 -5.13
C THR B 139 -11.13 28.87 -3.73
N ASP B 140 -12.05 28.87 -2.76
CA ASP B 140 -11.80 29.22 -1.35
C ASP B 140 -11.96 27.99 -0.45
N PHE B 141 -12.08 26.83 -1.10
CA PHE B 141 -12.49 25.60 -0.45
C PHE B 141 -11.70 25.31 0.81
N PHE B 142 -10.52 25.90 0.90
CA PHE B 142 -9.57 25.57 1.94
C PHE B 142 -9.30 26.55 3.09
N LYS B 143 -9.96 27.69 3.22
CA LYS B 143 -9.34 28.54 4.22
C LYS B 143 -9.96 28.50 5.61
N GLU B 144 -10.75 27.46 5.88
CA GLU B 144 -11.03 27.19 7.28
C GLU B 144 -10.03 26.09 7.64
N TRP B 145 -9.18 25.71 6.68
CA TRP B 145 -8.10 24.73 6.89
C TRP B 145 -6.97 25.38 7.67
N PRO B 146 -6.53 24.70 8.73
CA PRO B 146 -5.46 25.20 9.59
C PRO B 146 -4.10 24.97 8.94
N SER B 147 -3.12 25.78 9.30
CA SER B 147 -1.76 25.58 8.82
C SER B 147 -0.80 25.29 9.96
N GLN B 148 0.32 24.63 9.68
CA GLN B 148 1.25 24.29 10.72
C GLN B 148 2.67 24.70 10.34
N PHE B 149 3.35 25.28 11.30
CA PHE B 149 4.71 25.75 11.14
C PHE B 149 5.66 24.83 11.90
N ARG B 150 6.84 24.55 11.35
CA ARG B 150 7.76 23.69 12.02
C ARG B 150 9.17 23.96 11.57
N ILE B 151 10.09 24.11 12.50
CA ILE B 151 11.47 24.36 12.15
C ILE B 151 12.40 23.24 12.58
N ASN B 152 13.44 22.96 11.81
CA ASN B 152 14.25 21.77 12.03
C ASN B 152 15.76 22.01 12.09
N LYS B 153 16.43 21.30 12.99
CA LYS B 153 17.88 21.32 13.07
C LYS B 153 18.41 19.91 12.85
N TYR B 154 19.09 19.66 11.74
CA TYR B 154 19.64 18.33 11.50
C TYR B 154 21.09 18.32 11.90
N HIS B 155 21.47 17.40 12.78
CA HIS B 155 22.85 17.37 13.19
C HIS B 155 23.50 16.11 12.66
N PHE B 156 24.25 16.26 11.58
CA PHE B 156 24.89 15.12 10.94
C PHE B 156 26.35 15.07 11.40
N LYS B 157 26.73 13.89 11.91
CA LYS B 157 28.08 13.62 12.39
C LYS B 157 28.84 12.69 11.45
N PRO B 158 30.12 12.35 11.74
CA PRO B 158 30.92 11.92 10.58
C PRO B 158 30.50 10.70 9.72
N GLU B 159 29.90 9.62 10.24
CA GLU B 159 29.43 8.62 9.27
C GLU B 159 27.88 8.58 9.31
N THR B 160 27.24 9.67 9.72
CA THR B 160 25.85 9.82 9.33
C THR B 160 25.86 9.96 7.79
N VAL B 161 27.00 10.41 7.26
CA VAL B 161 27.20 10.59 5.83
C VAL B 161 27.00 9.25 5.14
N GLY B 162 26.27 9.28 4.02
CA GLY B 162 25.97 8.06 3.30
C GLY B 162 24.59 7.54 3.66
N LYS B 163 24.13 7.89 4.86
CA LYS B 163 22.86 7.39 5.35
C LYS B 163 21.80 8.48 5.18
N LEU B 164 20.62 8.26 5.76
CA LEU B 164 19.54 9.21 5.63
C LEU B 164 19.36 10.01 6.93
N GLY B 165 18.58 11.09 6.89
CA GLY B 165 18.31 11.89 8.08
C GLY B 165 16.84 11.76 8.45
N VAL B 166 15.99 11.67 7.44
CA VAL B 166 14.58 11.35 7.63
C VAL B 166 14.21 10.27 6.58
N GLN B 167 13.37 9.32 6.98
CA GLN B 167 13.01 8.23 6.11
C GLN B 167 11.98 8.68 5.08
N LEU B 168 11.77 7.83 4.08
CA LEU B 168 10.93 8.16 2.95
C LEU B 168 9.48 8.25 3.40
N HIS B 169 8.80 9.33 3.02
CA HIS B 169 7.46 9.57 3.53
C HIS B 169 6.73 10.59 2.67
N THR B 170 5.43 10.73 2.91
CA THR B 170 4.64 11.76 2.25
C THR B 170 4.10 12.69 3.30
N ASP B 171 4.01 13.96 2.98
CA ASP B 171 3.39 14.86 3.91
C ASP B 171 1.91 14.50 3.91
N SER B 172 1.28 14.64 5.07
CA SER B 172 -0.09 14.21 5.23
C SER B 172 -1.10 15.30 4.88
N GLY B 173 -0.64 16.56 4.82
CA GLY B 173 -1.56 17.65 4.53
C GLY B 173 -1.78 17.87 3.04
N PHE B 174 -2.28 19.04 2.69
CA PHE B 174 -2.60 19.34 1.30
C PHE B 174 -1.37 19.85 0.61
N LEU B 175 -0.80 20.91 1.18
CA LEU B 175 0.25 21.69 0.55
C LEU B 175 1.36 22.06 1.53
N THR B 176 2.62 21.89 1.11
CA THR B 176 3.74 22.23 1.96
C THR B 176 4.70 23.19 1.25
N ILE B 177 5.13 24.24 1.95
CA ILE B 177 6.18 25.14 1.49
C ILE B 177 7.47 24.99 2.28
N LEU B 178 8.57 24.70 1.61
CA LEU B 178 9.79 24.46 2.35
C LEU B 178 10.87 25.50 2.05
N GLN B 179 11.39 26.14 3.10
CA GLN B 179 12.59 26.94 2.99
C GLN B 179 13.79 26.14 3.47
N ASP B 180 14.50 25.54 2.53
CA ASP B 180 15.56 24.59 2.84
C ASP B 180 16.84 25.33 3.17
N ASP B 181 17.93 24.59 3.32
CA ASP B 181 19.21 25.17 3.70
C ASP B 181 20.09 25.40 2.47
N GLU B 182 20.37 26.68 2.22
CA GLU B 182 20.99 27.11 0.96
C GLU B 182 22.31 26.39 0.77
N ASN B 183 23.08 26.35 1.84
CA ASN B 183 24.43 25.81 1.80
C ASN B 183 24.54 24.32 2.20
N VAL B 184 23.41 23.63 2.30
CA VAL B 184 23.39 22.16 2.51
C VAL B 184 22.23 21.48 1.76
N GLY B 185 22.57 20.72 0.73
CA GLY B 185 21.57 19.97 -0.03
C GLY B 185 21.34 18.61 0.62
N GLY B 186 20.55 17.75 -0.02
CA GLY B 186 20.31 16.40 0.49
C GLY B 186 18.87 15.92 0.38
N LEU B 187 17.93 16.85 0.18
CA LEU B 187 16.52 16.54 0.03
C LEU B 187 16.26 15.76 -1.28
N GLU B 188 15.58 14.62 -1.20
CA GLU B 188 15.27 13.86 -2.42
C GLU B 188 13.84 13.38 -2.47
N ALA B 189 13.38 13.15 -3.69
CA ALA B 189 12.00 12.78 -3.95
C ALA B 189 11.98 11.65 -4.98
N MET B 190 10.96 10.82 -4.94
CA MET B 190 10.91 9.69 -5.85
C MET B 190 10.00 9.97 -7.02
N ASP B 191 10.44 9.59 -8.21
CA ASP B 191 9.60 9.68 -9.39
C ASP B 191 8.68 8.46 -9.33
N ASN B 192 7.40 8.67 -9.05
CA ASN B 192 6.45 7.55 -8.97
C ASN B 192 6.46 6.67 -10.21
N SER B 193 6.60 7.27 -11.38
CA SER B 193 6.66 6.48 -12.61
C SER B 193 7.92 5.63 -12.62
N SER B 194 9.08 6.26 -12.66
CA SER B 194 10.33 5.52 -12.75
C SER B 194 10.60 4.64 -11.52
N GLY B 195 10.53 5.22 -10.33
CA GLY B 195 10.85 4.50 -9.09
C GLY B 195 12.18 4.98 -8.52
N THR B 196 12.89 5.76 -9.33
CA THR B 196 14.16 6.39 -8.98
C THR B 196 13.99 7.69 -8.16
N PHE B 197 15.04 8.05 -7.43
CA PHE B 197 15.02 9.32 -6.72
C PHE B 197 15.80 10.42 -7.45
N PHE B 198 15.41 11.66 -7.18
CA PHE B 198 16.07 12.83 -7.76
C PHE B 198 16.18 13.90 -6.68
N PRO B 199 17.22 14.75 -6.77
CA PRO B 199 17.45 15.73 -5.71
C PRO B 199 16.59 16.98 -5.85
N ILE B 200 16.26 17.60 -4.72
CA ILE B 200 15.66 18.93 -4.73
C ILE B 200 16.65 19.86 -4.08
N ASP B 201 17.64 20.23 -4.90
CA ASP B 201 18.72 21.15 -4.56
C ASP B 201 18.21 22.49 -4.04
N PRO B 202 18.85 23.02 -2.99
CA PRO B 202 18.48 24.34 -2.46
C PRO B 202 18.91 25.42 -3.43
N LEU B 203 18.06 25.75 -4.40
CA LEU B 203 18.38 26.84 -5.31
C LEU B 203 18.07 28.20 -4.68
N PRO B 204 19.10 29.06 -4.58
CA PRO B 204 19.08 30.40 -3.95
C PRO B 204 17.84 31.26 -4.15
N ASN B 205 17.37 31.76 -3.02
CA ASN B 205 16.20 32.63 -2.89
C ASN B 205 14.86 32.04 -3.36
N THR B 206 14.87 30.80 -3.85
CA THR B 206 13.64 30.11 -4.23
C THR B 206 13.04 29.29 -3.06
N LEU B 207 11.79 28.87 -3.22
CA LEU B 207 11.09 28.04 -2.27
C LEU B 207 10.63 26.71 -2.89
N ALA B 208 10.62 25.65 -2.09
CA ALA B 208 10.18 24.32 -2.54
C ALA B 208 8.72 24.08 -2.16
N ILE B 209 7.95 23.51 -3.08
CA ILE B 209 6.55 23.24 -2.86
C ILE B 209 6.29 21.72 -2.98
N ASN B 210 5.47 21.15 -2.10
CA ASN B 210 5.01 19.77 -2.28
C ASN B 210 3.51 19.65 -2.11
N LEU B 211 2.97 18.62 -2.71
CA LEU B 211 1.57 18.29 -2.54
C LEU B 211 1.62 17.10 -1.60
N GLY B 212 0.67 17.01 -0.68
CA GLY B 212 0.60 15.89 0.23
C GLY B 212 -0.64 15.04 0.04
N ASP B 213 -0.84 14.09 0.96
CA ASP B 213 -1.91 13.10 0.85
C ASP B 213 -3.29 13.73 0.67
N MET B 214 -3.55 14.83 1.37
CA MET B 214 -4.83 15.53 1.23
C MET B 214 -5.07 16.01 -0.20
N ALA B 215 -4.01 16.39 -0.91
CA ALA B 215 -4.15 16.89 -2.28
C ALA B 215 -4.62 15.76 -3.17
N THR B 216 -4.10 14.56 -2.88
CA THR B 216 -4.47 13.36 -3.60
C THR B 216 -5.92 12.99 -3.33
N ILE B 217 -6.31 13.09 -2.07
CA ILE B 217 -7.66 12.73 -1.68
C ILE B 217 -8.61 13.73 -2.31
N TRP B 218 -8.33 15.01 -2.09
CA TRP B 218 -9.17 16.07 -2.60
C TRP B 218 -9.37 15.97 -4.13
N SER B 219 -8.31 15.63 -4.86
CA SER B 219 -8.39 15.57 -6.30
C SER B 219 -8.77 14.20 -6.84
N ASN B 220 -9.16 13.30 -5.94
CA ASN B 220 -9.49 11.91 -6.27
C ASN B 220 -8.38 11.21 -7.08
N GLY B 221 -7.13 11.42 -6.69
CA GLY B 221 -6.02 10.72 -7.27
C GLY B 221 -5.29 11.45 -8.39
N ARG B 222 -5.73 12.67 -8.69
CA ARG B 222 -5.10 13.43 -9.76
C ARG B 222 -3.78 14.11 -9.32
N LEU B 223 -3.77 14.69 -8.12
CA LEU B 223 -2.57 15.36 -7.61
C LEU B 223 -1.62 14.35 -6.94
N CYS B 224 -0.35 14.44 -7.26
CA CYS B 224 0.61 13.48 -6.75
C CYS B 224 1.12 13.87 -5.38
N ASN B 225 0.88 13.02 -4.38
CA ASN B 225 1.48 13.21 -3.06
C ASN B 225 2.88 12.63 -3.00
N VAL B 226 3.86 13.44 -3.36
CA VAL B 226 5.22 12.94 -3.58
C VAL B 226 5.83 12.30 -2.34
N LYS B 227 6.58 11.24 -2.55
CA LYS B 227 7.37 10.63 -1.50
C LYS B 227 8.74 11.27 -1.51
N HIS B 228 9.16 11.73 -0.34
CA HIS B 228 10.45 12.38 -0.19
C HIS B 228 11.15 11.94 1.09
N ARG B 229 12.47 12.16 1.13
CA ARG B 229 13.25 11.94 2.34
C ARG B 229 14.42 12.92 2.37
N VAL B 230 15.03 13.06 3.54
CA VAL B 230 16.28 13.81 3.66
C VAL B 230 17.39 12.80 3.84
N GLN B 231 18.36 12.84 2.94
CA GLN B 231 19.51 11.96 3.00
C GLN B 231 20.74 12.83 3.30
N CYS B 232 21.59 12.37 4.21
CA CYS B 232 22.80 13.10 4.61
C CYS B 232 24.00 13.00 3.64
N LYS B 233 24.55 14.11 3.14
CA LYS B 233 25.75 14.03 2.27
C LYS B 233 27.00 14.60 2.95
N GLU B 234 26.81 15.33 4.04
CA GLU B 234 27.94 15.91 4.75
C GLU B 234 27.60 16.07 6.20
N ALA B 235 28.59 15.86 7.06
CA ALA B 235 28.37 15.93 8.48
C ALA B 235 28.41 17.40 8.87
N THR B 236 27.35 18.11 8.53
CA THR B 236 27.27 19.52 8.87
C THR B 236 25.93 19.83 9.54
N MET B 237 25.75 21.08 9.96
CA MET B 237 24.46 21.51 10.46
C MET B 237 23.58 21.78 9.28
N ARG B 238 22.29 21.69 9.49
CA ARG B 238 21.35 21.90 8.43
C ARG B 238 20.07 22.36 9.08
N TYR B 239 19.52 23.47 8.59
CA TYR B 239 18.37 24.12 9.19
C TYR B 239 17.32 24.16 8.14
N SER B 240 16.07 23.96 8.51
CA SER B 240 15.01 24.02 7.52
C SER B 240 13.72 24.52 8.14
N ILE B 241 12.98 25.27 7.35
CA ILE B 241 11.73 25.83 7.82
C ILE B 241 10.59 25.32 6.98
N ALA B 242 9.55 24.81 7.63
CA ALA B 242 8.46 24.20 6.85
C ALA B 242 7.14 24.75 7.26
N SER B 243 6.29 24.98 6.27
CA SER B 243 4.93 25.42 6.53
C SER B 243 3.96 24.48 5.85
N PHE B 244 3.05 23.88 6.61
CA PHE B 244 2.14 22.89 6.06
C PHE B 244 0.73 23.44 5.99
N LEU B 245 0.11 23.42 4.81
CA LEU B 245 -1.33 23.64 4.74
C LEU B 245 -1.99 22.30 4.97
N LEU B 246 -2.73 22.17 6.07
CA LEU B 246 -3.30 20.87 6.41
C LEU B 246 -4.69 20.76 5.81
N GLY B 247 -5.32 19.60 5.96
CA GLY B 247 -6.69 19.42 5.56
C GLY B 247 -7.63 20.02 6.59
N PRO B 248 -8.94 19.84 6.41
CA PRO B 248 -9.97 20.31 7.33
C PRO B 248 -9.97 19.45 8.59
N MET B 249 -10.35 19.99 9.73
CA MET B 249 -10.25 19.22 10.97
C MET B 249 -11.61 18.82 11.56
N ASP B 250 -12.60 19.71 11.42
CA ASP B 250 -13.98 19.50 11.86
C ASP B 250 -14.69 18.50 10.97
N THR B 251 -14.54 18.77 9.68
CA THR B 251 -15.00 17.89 8.63
C THR B 251 -13.87 16.90 8.46
N ASP B 252 -13.99 16.03 7.47
CA ASP B 252 -12.83 15.33 6.93
C ASP B 252 -13.05 15.21 5.43
N LEU B 253 -11.94 15.21 4.70
CA LEU B 253 -11.92 15.56 3.28
C LEU B 253 -12.57 14.53 2.35
N GLU B 254 -13.49 15.07 1.54
CA GLU B 254 -14.12 14.39 0.41
C GLU B 254 -13.87 15.15 -0.90
N PRO B 255 -13.77 14.44 -2.03
CA PRO B 255 -13.38 15.15 -3.26
C PRO B 255 -14.48 16.02 -3.82
N PRO B 256 -14.14 17.13 -4.49
CA PRO B 256 -15.17 17.73 -5.36
C PRO B 256 -15.69 16.64 -6.28
N SER B 257 -17.01 16.49 -6.39
CA SER B 257 -17.58 15.32 -7.03
C SER B 257 -17.38 15.33 -8.55
N GLU B 258 -16.89 16.46 -9.07
CA GLU B 258 -16.50 16.57 -10.46
C GLU B 258 -15.34 15.62 -10.75
N PHE B 259 -14.61 15.29 -9.68
CA PHE B 259 -13.40 14.49 -9.80
C PHE B 259 -13.68 12.98 -9.84
N VAL B 260 -14.81 12.55 -9.28
CA VAL B 260 -15.15 11.12 -9.27
C VAL B 260 -16.06 10.72 -10.44
N ASP B 261 -15.54 9.86 -11.33
CA ASP B 261 -16.27 9.42 -12.52
C ASP B 261 -16.16 7.89 -12.70
N ALA B 262 -16.66 7.38 -13.82
CA ALA B 262 -16.62 5.95 -14.09
C ALA B 262 -15.24 5.47 -14.53
N GLU B 263 -14.36 6.42 -14.83
CA GLU B 263 -12.96 6.11 -15.15
C GLU B 263 -12.07 6.50 -13.98
N HIS B 264 -12.68 7.15 -12.99
CA HIS B 264 -12.01 7.57 -11.76
C HIS B 264 -12.86 7.23 -10.53
N PRO B 265 -12.84 5.95 -10.12
CA PRO B 265 -13.59 5.54 -8.92
C PRO B 265 -12.98 6.16 -7.65
N ARG B 266 -13.80 6.37 -6.63
CA ARG B 266 -13.31 7.01 -5.44
C ARG B 266 -12.20 6.17 -4.77
N MET C 1 4.86 -10.28 -21.41
CA MET C 1 3.68 -10.07 -22.25
C MET C 1 2.41 -10.79 -21.73
N ILE C 2 1.26 -10.20 -22.04
CA ILE C 2 -0.08 -10.75 -21.82
C ILE C 2 -0.38 -11.92 -22.79
N PRO C 3 -0.77 -13.09 -22.24
CA PRO C 3 -0.98 -14.36 -22.97
C PRO C 3 -2.33 -14.51 -23.67
N THR C 4 -2.37 -15.29 -24.75
CA THR C 4 -3.61 -15.57 -25.48
C THR C 4 -4.12 -16.99 -25.20
N ILE C 5 -5.29 -17.07 -24.55
CA ILE C 5 -5.85 -18.33 -24.06
C ILE C 5 -6.98 -18.84 -24.97
N ASP C 6 -6.98 -20.14 -25.25
CA ASP C 6 -8.00 -20.78 -26.11
C ASP C 6 -9.17 -21.31 -25.26
N LEU C 7 -10.35 -20.74 -25.49
CA LEU C 7 -11.52 -21.08 -24.70
C LEU C 7 -12.15 -22.40 -25.12
N GLU C 8 -11.67 -22.97 -26.22
CA GLU C 8 -12.08 -24.32 -26.58
C GLU C 8 -11.03 -25.38 -26.28
N GLU C 9 -10.12 -25.07 -25.35
CA GLU C 9 -9.18 -26.06 -24.85
C GLU C 9 -9.92 -27.31 -24.38
N VAL C 10 -9.45 -28.47 -24.84
CA VAL C 10 -10.22 -29.69 -24.66
C VAL C 10 -10.32 -30.09 -23.18
N SER C 11 -9.22 -29.96 -22.45
CA SER C 11 -9.18 -30.38 -21.06
C SER C 11 -9.37 -29.19 -20.11
N ASP C 12 -10.43 -29.25 -19.32
CA ASP C 12 -10.78 -28.18 -18.39
C ASP C 12 -9.72 -27.89 -17.35
N LYS C 13 -8.94 -28.89 -16.97
CA LYS C 13 -8.00 -28.65 -15.89
C LYS C 13 -6.73 -27.97 -16.44
N ILE C 14 -6.38 -28.26 -17.70
CA ILE C 14 -5.25 -27.58 -18.32
C ILE C 14 -5.63 -26.13 -18.55
N LEU C 15 -6.88 -25.92 -18.94
CA LEU C 15 -7.38 -24.58 -19.26
C LEU C 15 -7.49 -23.73 -18.02
N ASN C 16 -8.06 -24.28 -16.96
CA ASN C 16 -8.22 -23.54 -15.72
C ASN C 16 -6.87 -23.10 -15.11
N GLN C 17 -5.82 -23.92 -15.23
CA GLN C 17 -4.52 -23.41 -14.77
C GLN C 17 -3.99 -22.28 -15.66
N LYS C 18 -4.17 -22.44 -16.98
CA LYS C 18 -3.70 -21.44 -17.94
C LYS C 18 -4.32 -20.11 -17.61
N ILE C 19 -5.61 -20.14 -17.37
CA ILE C 19 -6.40 -18.97 -17.03
C ILE C 19 -6.03 -18.44 -15.64
N ARG C 20 -5.82 -19.36 -14.69
CA ARG C 20 -5.54 -18.97 -13.32
C ARG C 20 -4.17 -18.32 -13.16
N GLU C 21 -3.13 -18.86 -13.78
CA GLU C 21 -1.80 -18.27 -13.55
C GLU C 21 -1.62 -16.99 -14.38
N ALA C 22 -2.26 -16.91 -15.54
CA ALA C 22 -2.26 -15.66 -16.31
C ALA C 22 -2.89 -14.55 -15.46
N SER C 23 -3.94 -14.91 -14.73
CA SER C 23 -4.68 -13.96 -13.89
C SER C 23 -3.92 -13.56 -12.62
N GLU C 24 -2.99 -14.40 -12.21
CA GLU C 24 -2.23 -14.12 -10.98
C GLU C 24 -1.00 -13.29 -11.30
N ARG C 25 -0.43 -13.58 -12.46
CA ARG C 25 0.84 -13.06 -12.95
C ARG C 25 0.72 -11.80 -13.80
N TRP C 26 -0.28 -11.74 -14.68
CA TRP C 26 -0.40 -10.63 -15.60
C TRP C 26 -1.63 -9.79 -15.27
N GLY C 27 -2.59 -10.40 -14.56
CA GLY C 27 -3.82 -9.75 -14.19
C GLY C 27 -4.72 -9.50 -15.38
N CYS C 28 -4.33 -10.08 -16.52
CA CYS C 28 -5.05 -9.89 -17.76
C CYS C 28 -4.62 -10.93 -18.80
N PHE C 29 -5.49 -11.19 -19.78
CA PHE C 29 -5.18 -12.14 -20.85
C PHE C 29 -6.12 -11.96 -22.04
N ARG C 30 -5.71 -12.40 -23.22
CA ARG C 30 -6.59 -12.41 -24.39
C ARG C 30 -7.29 -13.76 -24.53
N VAL C 31 -8.47 -13.76 -25.14
CA VAL C 31 -9.14 -15.03 -25.43
C VAL C 31 -9.47 -15.18 -26.90
N ILE C 32 -9.23 -16.38 -27.43
CA ILE C 32 -9.67 -16.75 -28.76
C ILE C 32 -10.73 -17.82 -28.64
N ASN C 33 -11.55 -18.00 -29.67
CA ASN C 33 -12.73 -18.86 -29.59
C ASN C 33 -13.64 -18.44 -28.44
N HIS C 34 -13.99 -17.14 -28.45
CA HIS C 34 -14.88 -16.51 -27.48
C HIS C 34 -16.20 -17.22 -27.22
N GLY C 35 -16.78 -17.71 -28.33
CA GLY C 35 -18.13 -18.24 -28.36
C GLY C 35 -19.09 -17.10 -28.62
N VAL C 36 -18.58 -15.86 -28.57
CA VAL C 36 -19.36 -14.68 -28.97
C VAL C 36 -19.05 -14.34 -30.43
N SER C 37 -20.10 -14.20 -31.23
CA SER C 37 -20.00 -13.96 -32.67
C SER C 37 -19.02 -12.88 -33.14
N LEU C 38 -18.17 -13.27 -34.08
CA LEU C 38 -17.17 -12.40 -34.71
C LEU C 38 -17.86 -11.30 -35.51
N SER C 39 -18.98 -11.66 -36.14
CA SER C 39 -19.76 -10.71 -36.93
C SER C 39 -20.49 -9.71 -36.02
N LEU C 40 -21.02 -10.21 -34.91
CA LEU C 40 -21.68 -9.41 -33.87
C LEU C 40 -20.75 -8.34 -33.32
N MET C 41 -19.50 -8.73 -33.09
CA MET C 41 -18.47 -7.85 -32.58
C MET C 41 -18.21 -6.67 -33.52
N ALA C 42 -18.22 -6.94 -34.83
CA ALA C 42 -17.95 -5.92 -35.85
C ALA C 42 -19.03 -4.85 -36.02
N GLU C 43 -20.31 -5.26 -36.03
CA GLU C 43 -21.41 -4.31 -36.17
C GLU C 43 -21.62 -3.50 -34.90
N MET C 44 -21.24 -4.11 -33.78
CA MET C 44 -21.31 -3.47 -32.49
C MET C 44 -20.37 -2.27 -32.46
N LYS C 45 -19.22 -2.36 -33.15
CA LYS C 45 -18.38 -1.17 -33.34
C LYS C 45 -19.05 -0.11 -34.23
N LYS C 46 -19.69 -0.53 -35.31
CA LYS C 46 -20.38 0.44 -36.13
C LYS C 46 -21.45 1.09 -35.28
N THR C 47 -22.15 0.27 -34.49
CA THR C 47 -23.22 0.76 -33.63
C THR C 47 -22.70 1.76 -32.59
N VAL C 48 -21.52 1.50 -32.00
CA VAL C 48 -20.94 2.45 -31.05
C VAL C 48 -20.57 3.80 -31.71
N ILE C 49 -19.89 3.76 -32.85
CA ILE C 49 -19.45 4.99 -33.52
C ILE C 49 -20.63 5.89 -33.88
N ASP C 50 -21.74 5.27 -34.32
CA ASP C 50 -22.92 6.02 -34.72
C ASP C 50 -23.60 6.63 -33.49
N LEU C 51 -23.58 5.90 -32.37
CA LEU C 51 -24.16 6.39 -31.14
C LEU C 51 -23.45 7.64 -30.67
N PHE C 52 -22.13 7.63 -30.84
CA PHE C 52 -21.34 8.72 -30.34
C PHE C 52 -21.50 9.98 -31.12
N GLN C 53 -22.08 9.95 -32.31
CA GLN C 53 -22.17 11.26 -32.92
C GLN C 53 -23.65 11.56 -33.21
N ARG C 54 -24.50 11.03 -32.33
CA ARG C 54 -25.92 11.37 -32.29
C ARG C 54 -26.02 12.76 -31.68
N PRO C 55 -27.16 13.44 -31.86
CA PRO C 55 -27.27 14.78 -31.29
C PRO C 55 -26.98 14.81 -29.79
N TYR C 56 -26.22 15.82 -29.36
CA TYR C 56 -25.93 16.03 -27.95
C TYR C 56 -27.21 15.91 -27.12
N GLU C 57 -28.31 16.39 -27.70
CA GLU C 57 -29.59 16.44 -27.02
C GLU C 57 -30.19 15.05 -26.84
N VAL C 58 -29.77 14.11 -27.68
CA VAL C 58 -30.16 12.71 -27.55
C VAL C 58 -29.22 12.02 -26.53
N LYS C 59 -27.92 12.26 -26.66
CA LYS C 59 -26.93 11.70 -25.74
C LYS C 59 -27.25 11.92 -24.25
N VAL C 60 -27.63 13.15 -23.91
CA VAL C 60 -27.96 13.48 -22.52
C VAL C 60 -29.16 12.68 -22.00
N ARG C 61 -29.92 12.06 -22.90
CA ARG C 61 -31.09 11.28 -22.48
C ARG C 61 -30.59 9.98 -21.78
N ASN C 62 -29.31 9.68 -21.96
CA ASN C 62 -28.64 8.58 -21.30
C ASN C 62 -28.29 8.93 -19.86
N THR C 63 -29.24 8.71 -18.95
CA THR C 63 -29.08 9.13 -17.56
C THR C 63 -28.43 8.05 -16.68
N ASP C 64 -27.82 8.52 -15.59
CA ASP C 64 -27.20 7.68 -14.55
C ASP C 64 -28.20 6.78 -13.83
N VAL C 65 -27.79 5.55 -13.56
CA VAL C 65 -28.50 4.69 -12.60
C VAL C 65 -27.57 4.48 -11.42
N LEU C 66 -26.34 4.08 -11.75
CA LEU C 66 -25.23 4.15 -10.82
C LEU C 66 -24.47 5.40 -11.28
N LEU C 67 -23.92 6.17 -10.34
CA LEU C 67 -23.20 7.40 -10.71
C LEU C 67 -22.01 7.15 -11.63
N GLY C 68 -22.08 7.66 -12.85
CA GLY C 68 -20.99 7.47 -13.79
C GLY C 68 -21.39 6.49 -14.87
N SER C 69 -22.46 5.74 -14.63
CA SER C 69 -22.96 4.75 -15.59
C SER C 69 -23.55 5.38 -16.85
N GLY C 70 -24.18 6.56 -16.71
CA GLY C 70 -24.76 7.28 -17.83
C GLY C 70 -23.77 8.18 -18.57
N TYR C 71 -24.28 9.02 -19.48
CA TYR C 71 -23.44 9.84 -20.38
C TYR C 71 -22.53 10.87 -19.68
N ARG C 72 -21.31 11.03 -20.21
CA ARG C 72 -20.39 12.09 -19.79
C ARG C 72 -19.75 12.79 -20.98
N ALA C 73 -19.95 14.10 -21.08
CA ALA C 73 -19.31 14.86 -22.14
C ALA C 73 -17.91 15.27 -21.69
N PRO C 74 -16.98 15.51 -22.64
CA PRO C 74 -15.64 15.98 -22.24
C PRO C 74 -15.69 17.32 -21.50
N ASN C 75 -14.81 17.53 -20.54
CA ASN C 75 -14.72 18.82 -19.84
C ASN C 75 -13.27 19.12 -19.49
N GLU C 76 -13.04 20.08 -18.59
CA GLU C 76 -11.67 20.56 -18.42
C GLU C 76 -10.89 19.74 -17.37
N ILE C 77 -11.60 19.01 -16.51
CA ILE C 77 -10.95 17.98 -15.72
C ILE C 77 -10.57 16.81 -16.68
N ASN C 78 -11.51 16.37 -17.51
CA ASN C 78 -11.28 15.23 -18.39
C ASN C 78 -11.63 15.54 -19.86
N GLU C 82 -15.29 11.62 -23.38
CA GLU C 82 -16.69 11.31 -23.68
C GLU C 82 -17.05 9.81 -23.53
N ALA C 83 -18.20 9.53 -22.91
CA ALA C 83 -18.60 8.15 -22.63
C ALA C 83 -20.12 7.95 -22.52
N LEU C 84 -20.58 6.74 -22.85
CA LEU C 84 -21.98 6.33 -22.67
C LEU C 84 -22.11 4.95 -22.01
N GLY C 85 -23.26 4.64 -21.42
CA GLY C 85 -23.42 3.32 -20.88
C GLY C 85 -24.63 3.03 -20.04
N LEU C 86 -24.78 1.79 -19.64
CA LEU C 86 -25.92 1.36 -18.83
C LEU C 86 -25.49 0.37 -17.76
N TYR C 87 -26.17 0.43 -16.63
CA TYR C 87 -25.92 -0.45 -15.49
C TYR C 87 -26.81 -1.69 -15.58
N ASP C 88 -26.31 -2.79 -15.06
CA ASP C 88 -26.95 -4.11 -15.10
C ASP C 88 -27.27 -4.58 -16.52
N MET C 89 -26.22 -4.76 -17.31
CA MET C 89 -26.35 -5.19 -18.69
C MET C 89 -26.87 -6.61 -18.77
N ALA C 90 -26.90 -7.28 -17.63
CA ALA C 90 -27.37 -8.66 -17.53
C ALA C 90 -28.90 -8.73 -17.68
N SER C 91 -29.59 -7.61 -17.50
CA SER C 91 -31.05 -7.51 -17.68
C SER C 91 -31.45 -6.94 -19.07
N PRO C 92 -32.12 -7.76 -19.91
CA PRO C 92 -32.56 -7.30 -21.24
C PRO C 92 -33.47 -6.06 -21.16
N HIS C 93 -34.14 -5.86 -20.02
CA HIS C 93 -34.91 -4.63 -19.83
C HIS C 93 -34.00 -3.41 -19.79
N ALA C 94 -32.96 -3.52 -18.98
CA ALA C 94 -31.95 -2.46 -18.85
C ALA C 94 -31.27 -2.11 -20.18
N VAL C 95 -31.02 -3.13 -21.00
CA VAL C 95 -30.38 -2.93 -22.30
C VAL C 95 -31.32 -2.17 -23.21
N ASN C 96 -32.60 -2.56 -23.17
CA ASN C 96 -33.65 -1.90 -23.94
C ASN C 96 -33.97 -0.47 -23.47
N THR C 97 -33.92 -0.24 -22.17
CA THR C 97 -34.16 1.10 -21.63
C THR C 97 -33.08 2.03 -22.20
N PHE C 98 -31.85 1.52 -22.26
CA PHE C 98 -30.71 2.26 -22.82
C PHE C 98 -30.91 2.58 -24.32
N CYS C 99 -31.45 1.61 -25.05
CA CYS C 99 -31.69 1.77 -26.49
C CYS C 99 -32.80 2.78 -26.76
N ASP C 100 -33.80 2.82 -25.87
CA ASP C 100 -34.85 3.84 -25.91
C ASP C 100 -34.24 5.22 -25.74
N GLN C 101 -33.37 5.36 -24.75
CA GLN C 101 -32.71 6.63 -24.45
C GLN C 101 -31.80 7.10 -25.60
N LEU C 102 -31.18 6.16 -26.30
CA LEU C 102 -30.21 6.49 -27.34
C LEU C 102 -30.81 6.48 -28.76
N GLU C 103 -32.14 6.39 -28.88
CA GLU C 103 -32.80 6.37 -30.19
C GLU C 103 -32.30 5.18 -31.03
N ALA C 104 -32.34 3.97 -30.48
CA ALA C 104 -31.80 2.82 -31.22
C ALA C 104 -32.64 2.37 -32.40
N SER C 105 -31.95 1.87 -33.43
CA SER C 105 -32.57 1.27 -34.61
C SER C 105 -33.22 -0.03 -34.24
N ALA C 106 -33.97 -0.60 -35.18
CA ALA C 106 -34.41 -1.96 -34.99
C ALA C 106 -33.16 -2.84 -35.03
N ASP C 107 -32.29 -2.56 -36.01
CA ASP C 107 -31.11 -3.37 -36.28
C ASP C 107 -30.06 -3.13 -35.17
N GLN C 108 -29.89 -1.87 -34.76
CA GLN C 108 -28.98 -1.53 -33.65
C GLN C 108 -29.37 -2.14 -32.30
N ARG C 109 -30.65 -2.04 -31.99
CA ARG C 109 -31.15 -2.53 -30.71
C ARG C 109 -30.82 -4.00 -30.47
N GLU C 110 -30.99 -4.84 -31.48
CA GLU C 110 -30.83 -6.27 -31.26
C GLU C 110 -29.36 -6.69 -31.32
N ILE C 111 -28.51 -5.87 -31.95
CA ILE C 111 -27.07 -6.08 -31.86
C ILE C 111 -26.64 -5.98 -30.41
N MET C 112 -27.12 -4.95 -29.71
CA MET C 112 -26.78 -4.74 -28.31
C MET C 112 -27.46 -5.73 -27.37
N VAL C 113 -28.72 -6.09 -27.64
CA VAL C 113 -29.34 -7.11 -26.82
C VAL C 113 -28.50 -8.39 -26.95
N LYS C 114 -28.04 -8.67 -28.17
CA LYS C 114 -27.28 -9.87 -28.45
C LYS C 114 -25.86 -9.78 -27.92
N TYR C 115 -25.25 -8.61 -28.10
CA TYR C 115 -23.92 -8.34 -27.60
C TYR C 115 -23.87 -8.45 -26.05
N ALA C 116 -24.80 -7.79 -25.37
CA ALA C 116 -24.87 -7.86 -23.92
C ALA C 116 -24.95 -9.30 -23.38
N LYS C 117 -25.74 -10.17 -24.02
CA LYS C 117 -25.90 -11.53 -23.52
C LYS C 117 -24.69 -12.41 -23.85
N ALA C 118 -24.12 -12.23 -25.04
CA ALA C 118 -22.95 -12.99 -25.45
C ALA C 118 -21.76 -12.64 -24.57
N ILE C 119 -21.53 -11.34 -24.38
CA ILE C 119 -20.41 -10.82 -23.60
C ILE C 119 -20.61 -11.13 -22.11
N ASN C 120 -21.86 -11.08 -21.65
CA ASN C 120 -22.16 -11.34 -20.25
C ASN C 120 -22.17 -12.84 -19.97
N GLY C 121 -22.36 -13.64 -21.01
CA GLY C 121 -22.28 -15.08 -20.84
C GLY C 121 -20.81 -15.45 -20.72
N LEU C 122 -19.98 -14.83 -21.55
CA LEU C 122 -18.55 -15.04 -21.52
C LEU C 122 -17.97 -14.65 -20.16
N ALA C 123 -18.43 -13.53 -19.60
CA ALA C 123 -17.95 -13.07 -18.29
C ALA C 123 -18.28 -14.09 -17.21
N THR C 124 -19.46 -14.72 -17.35
CA THR C 124 -19.90 -15.77 -16.44
C THR C 124 -18.95 -16.98 -16.49
N ASP C 125 -18.62 -17.44 -17.69
CA ASP C 125 -17.75 -18.61 -17.83
C ASP C 125 -16.38 -18.35 -17.25
N LEU C 126 -15.83 -17.17 -17.51
CA LEU C 126 -14.54 -16.83 -16.95
C LEU C 126 -14.55 -16.84 -15.42
N ALA C 127 -15.60 -16.27 -14.82
CA ALA C 127 -15.69 -16.20 -13.38
C ALA C 127 -15.74 -17.59 -12.76
N ARG C 128 -16.47 -18.50 -13.39
CA ARG C 128 -16.61 -19.81 -12.79
C ARG C 128 -15.32 -20.58 -12.94
N LYS C 129 -14.70 -20.47 -14.12
CA LYS C 129 -13.42 -21.12 -14.37
C LYS C 129 -12.40 -20.66 -13.34
N LEU C 130 -12.42 -19.40 -12.95
CA LEU C 130 -11.58 -18.98 -11.84
C LEU C 130 -11.99 -19.64 -10.52
N ALA C 131 -13.28 -19.81 -10.25
CA ALA C 131 -13.69 -20.48 -9.02
C ALA C 131 -13.26 -21.96 -9.09
N GLU C 132 -13.31 -22.54 -10.29
CA GLU C 132 -12.96 -23.94 -10.52
C GLU C 132 -11.46 -24.19 -10.45
N SER C 133 -10.67 -23.17 -10.78
CA SER C 133 -9.23 -23.33 -10.79
C SER C 133 -8.73 -23.36 -9.36
N TYR C 134 -9.57 -22.95 -8.44
CA TYR C 134 -9.18 -22.93 -7.04
C TYR C 134 -9.83 -24.07 -6.24
N GLY C 135 -10.62 -24.88 -6.94
CA GLY C 135 -11.40 -25.92 -6.29
C GLY C 135 -12.39 -25.35 -5.29
N LEU C 136 -13.08 -24.27 -5.64
CA LEU C 136 -14.05 -23.67 -4.73
C LEU C 136 -15.40 -24.37 -4.78
N VAL C 137 -16.07 -24.35 -3.64
CA VAL C 137 -17.41 -24.86 -3.49
C VAL C 137 -18.41 -23.92 -4.15
N GLU C 138 -18.29 -22.64 -3.83
CA GLU C 138 -19.22 -21.59 -4.28
C GLU C 138 -18.92 -21.13 -5.70
N THR C 139 -19.17 -22.01 -6.66
CA THR C 139 -18.93 -21.74 -8.07
C THR C 139 -20.00 -20.83 -8.65
N ASP C 140 -20.83 -20.27 -7.78
CA ASP C 140 -21.93 -19.40 -8.17
C ASP C 140 -21.77 -18.01 -7.63
N PHE C 141 -20.62 -17.73 -7.05
CA PHE C 141 -20.42 -16.57 -6.18
C PHE C 141 -20.88 -15.23 -6.79
N PHE C 142 -20.97 -15.19 -8.11
CA PHE C 142 -21.22 -13.96 -8.87
C PHE C 142 -22.65 -13.86 -9.43
N LYS C 143 -23.56 -14.76 -9.07
CA LYS C 143 -24.77 -14.84 -9.88
C LYS C 143 -25.81 -13.83 -9.49
N GLU C 144 -25.54 -13.09 -8.43
CA GLU C 144 -26.39 -11.96 -8.09
C GLU C 144 -25.63 -10.65 -8.26
N TRP C 145 -24.41 -10.74 -8.79
CA TRP C 145 -23.58 -9.57 -9.10
C TRP C 145 -24.02 -8.83 -10.38
N PRO C 146 -24.23 -7.51 -10.29
CA PRO C 146 -24.66 -6.75 -11.46
C PRO C 146 -23.50 -6.44 -12.40
N SER C 147 -23.80 -6.23 -13.68
CA SER C 147 -22.76 -5.89 -14.63
C SER C 147 -22.92 -4.48 -15.18
N GLN C 148 -21.85 -3.87 -15.67
CA GLN C 148 -21.97 -2.52 -16.20
C GLN C 148 -21.33 -2.39 -17.57
N PHE C 149 -22.02 -1.69 -18.47
CA PHE C 149 -21.50 -1.48 -19.83
C PHE C 149 -21.11 -0.01 -20.03
N ARG C 150 -19.98 0.21 -20.71
CA ARG C 150 -19.53 1.57 -20.96
C ARG C 150 -18.63 1.69 -22.17
N ILE C 151 -19.02 2.59 -23.07
CA ILE C 151 -18.27 2.87 -24.28
C ILE C 151 -17.69 4.28 -24.19
N ASN C 152 -16.50 4.45 -24.75
CA ASN C 152 -15.75 5.70 -24.69
C ASN C 152 -15.27 6.19 -26.05
N LYS C 153 -15.28 7.51 -26.23
CA LYS C 153 -14.71 8.13 -27.42
C LYS C 153 -13.55 9.00 -26.98
N TYR C 154 -12.36 8.54 -27.35
CA TYR C 154 -11.12 9.23 -27.07
C TYR C 154 -10.69 10.04 -28.29
N HIS C 155 -10.32 11.28 -28.01
CA HIS C 155 -9.96 12.26 -29.02
C HIS C 155 -8.46 12.45 -29.13
N LEU C 168 -3.28 6.17 -15.83
CA LEU C 168 -3.05 4.87 -15.23
C LEU C 168 -3.99 4.60 -14.05
N HIS C 169 -4.57 3.40 -14.04
CA HIS C 169 -5.59 3.02 -13.06
C HIS C 169 -5.83 1.50 -13.01
N THR C 170 -6.60 1.05 -12.03
CA THR C 170 -7.04 -0.33 -11.98
C THR C 170 -8.56 -0.32 -12.10
N ASP C 171 -9.14 -1.30 -12.77
CA ASP C 171 -10.60 -1.39 -12.85
C ASP C 171 -11.14 -1.67 -11.45
N SER C 172 -12.31 -1.12 -11.14
CA SER C 172 -12.87 -1.17 -9.79
C SER C 172 -13.72 -2.40 -9.48
N GLY C 173 -14.21 -3.08 -10.52
CA GLY C 173 -15.06 -4.25 -10.36
C GLY C 173 -14.28 -5.55 -10.20
N PHE C 174 -14.92 -6.67 -10.53
CA PHE C 174 -14.26 -7.98 -10.42
C PHE C 174 -13.48 -8.25 -11.71
N LEU C 175 -14.19 -8.19 -12.83
CA LEU C 175 -13.69 -8.64 -14.12
C LEU C 175 -14.10 -7.69 -15.24
N THR C 176 -13.18 -7.46 -16.19
CA THR C 176 -13.43 -6.60 -17.36
C THR C 176 -13.21 -7.33 -18.66
N ILE C 177 -14.15 -7.19 -19.58
CA ILE C 177 -13.97 -7.69 -20.93
C ILE C 177 -13.80 -6.47 -21.85
N LEU C 178 -12.70 -6.46 -22.59
CA LEU C 178 -12.37 -5.32 -23.41
C LEU C 178 -12.47 -5.68 -24.87
N GLN C 179 -13.36 -5.00 -25.57
CA GLN C 179 -13.25 -5.04 -27.01
C GLN C 179 -12.58 -3.73 -27.35
N ASP C 180 -11.25 -3.70 -27.28
CA ASP C 180 -10.54 -2.46 -27.52
C ASP C 180 -10.53 -2.37 -29.04
N ASP C 181 -9.90 -1.35 -29.61
CA ASP C 181 -10.14 -1.20 -31.05
C ASP C 181 -8.94 -1.48 -31.95
N GLU C 182 -9.27 -1.98 -33.13
CA GLU C 182 -8.41 -2.66 -34.09
C GLU C 182 -7.13 -1.85 -34.39
N ASN C 183 -7.25 -0.56 -34.69
CA ASN C 183 -6.09 0.28 -35.00
C ASN C 183 -6.30 1.72 -34.54
N GLU C 188 -2.05 -0.16 -23.29
CA GLU C 188 -0.93 -0.89 -22.69
C GLU C 188 -1.16 -1.03 -21.18
N ALA C 189 -0.52 -2.05 -20.56
CA ALA C 189 -0.79 -2.43 -19.14
C ALA C 189 0.50 -2.68 -18.35
N MET C 190 0.49 -2.52 -17.03
CA MET C 190 1.76 -2.67 -16.29
C MET C 190 2.03 -4.01 -15.57
N ASP C 191 3.22 -4.53 -15.78
CA ASP C 191 3.74 -5.65 -15.01
C ASP C 191 4.47 -5.16 -13.74
N SER C 194 8.37 -6.00 -11.82
CA SER C 194 9.42 -5.82 -12.81
C SER C 194 9.66 -4.35 -13.12
N GLY C 195 8.58 -3.64 -13.44
CA GLY C 195 8.65 -2.23 -13.78
C GLY C 195 8.46 -1.99 -15.27
N THR C 196 8.53 -3.05 -16.08
CA THR C 196 8.32 -2.86 -17.52
C THR C 196 6.82 -2.80 -17.83
N PHE C 197 6.46 -2.04 -18.86
CA PHE C 197 5.10 -2.00 -19.37
C PHE C 197 5.12 -2.78 -20.69
N PHE C 198 3.98 -3.28 -21.14
CA PHE C 198 3.92 -4.04 -22.38
C PHE C 198 2.67 -3.68 -23.18
N PRO C 199 2.71 -3.86 -24.52
CA PRO C 199 1.59 -3.45 -25.35
C PRO C 199 0.47 -4.49 -25.36
N ILE C 200 -0.76 -4.02 -25.56
CA ILE C 200 -1.90 -4.90 -25.77
C ILE C 200 -2.30 -4.75 -27.23
N ASP C 201 -1.54 -5.45 -28.07
CA ASP C 201 -1.70 -5.44 -29.52
C ASP C 201 -3.14 -5.73 -29.90
N PRO C 202 -3.67 -4.93 -30.84
CA PRO C 202 -5.02 -5.26 -31.31
C PRO C 202 -5.04 -6.47 -32.24
N LEU C 203 -5.05 -7.69 -31.69
CA LEU C 203 -5.18 -8.88 -32.53
C LEU C 203 -6.64 -9.08 -32.92
N PRO C 204 -6.93 -9.02 -34.22
CA PRO C 204 -8.27 -9.20 -34.79
C PRO C 204 -9.01 -10.42 -34.19
N ASN C 205 -10.31 -10.26 -33.90
CA ASN C 205 -11.16 -11.31 -33.33
C ASN C 205 -10.85 -11.82 -31.92
N THR C 206 -9.87 -11.24 -31.25
CA THR C 206 -9.64 -11.57 -29.85
C THR C 206 -10.35 -10.55 -28.93
N LEU C 207 -10.51 -10.92 -27.66
CA LEU C 207 -10.99 -10.03 -26.61
C LEU C 207 -10.00 -9.97 -25.47
N ALA C 208 -9.89 -8.81 -24.84
CA ALA C 208 -9.02 -8.66 -23.68
C ALA C 208 -9.82 -8.72 -22.35
N ILE C 209 -9.29 -9.45 -21.38
CA ILE C 209 -9.91 -9.61 -20.07
C ILE C 209 -8.95 -8.97 -19.08
N ASN C 210 -9.48 -8.20 -18.13
CA ASN C 210 -8.65 -7.63 -17.07
C ASN C 210 -9.30 -7.96 -15.76
N LEU C 211 -8.52 -7.94 -14.68
CA LEU C 211 -9.11 -8.19 -13.38
C LEU C 211 -9.08 -6.87 -12.63
N GLY C 212 -10.12 -6.60 -11.85
CA GLY C 212 -10.20 -5.36 -11.11
C GLY C 212 -10.05 -5.58 -9.64
N ASP C 213 -10.28 -4.53 -8.86
CA ASP C 213 -10.07 -4.55 -7.42
C ASP C 213 -10.84 -5.66 -6.72
N MET C 214 -12.07 -5.90 -7.18
CA MET C 214 -12.90 -6.92 -6.54
C MET C 214 -12.27 -8.32 -6.64
N ALA C 215 -11.58 -8.59 -7.74
CA ALA C 215 -10.93 -9.88 -7.97
C ALA C 215 -9.76 -10.08 -7.00
N THR C 216 -9.02 -9.02 -6.72
CA THR C 216 -7.90 -9.11 -5.80
C THR C 216 -8.44 -9.35 -4.39
N ILE C 217 -9.50 -8.64 -4.03
CA ILE C 217 -10.10 -8.75 -2.69
C ILE C 217 -10.76 -10.11 -2.47
N TRP C 218 -11.62 -10.51 -3.41
CA TRP C 218 -12.32 -11.79 -3.32
C TRP C 218 -11.35 -12.99 -3.23
N SER C 219 -10.26 -12.93 -3.99
CA SER C 219 -9.27 -14.01 -4.02
C SER C 219 -8.20 -13.77 -2.97
N ASN C 220 -8.46 -12.83 -2.09
CA ASN C 220 -7.53 -12.45 -1.02
C ASN C 220 -6.12 -12.15 -1.53
N GLY C 221 -6.01 -11.46 -2.65
CA GLY C 221 -4.73 -10.99 -3.13
C GLY C 221 -4.05 -11.92 -4.10
N ARG C 222 -4.71 -13.03 -4.42
CA ARG C 222 -4.13 -13.96 -5.37
C ARG C 222 -4.34 -13.44 -6.79
N LEU C 223 -5.52 -12.88 -7.04
CA LEU C 223 -5.80 -12.34 -8.36
C LEU C 223 -5.26 -10.91 -8.45
N CYS C 224 -4.60 -10.63 -9.59
CA CYS C 224 -3.94 -9.36 -9.85
C CYS C 224 -4.87 -8.29 -10.42
N ASN C 225 -5.08 -7.20 -9.68
CA ASN C 225 -5.84 -6.07 -10.23
C ASN C 225 -4.97 -5.22 -11.16
N VAL C 226 -4.97 -5.57 -12.44
CA VAL C 226 -4.02 -5.05 -13.43
C VAL C 226 -4.12 -3.54 -13.63
N LYS C 227 -2.96 -2.87 -13.72
CA LYS C 227 -2.89 -1.45 -14.10
C LYS C 227 -2.66 -1.24 -15.59
N HIS C 228 -3.51 -0.41 -16.18
CA HIS C 228 -3.46 -0.14 -17.63
C HIS C 228 -3.64 1.36 -17.87
N TYR C 239 -11.48 5.00 -29.19
CA TYR C 239 -12.62 4.12 -28.93
C TYR C 239 -12.37 2.89 -28.03
N SER C 240 -13.33 2.65 -27.14
CA SER C 240 -13.33 1.47 -26.28
C SER C 240 -14.74 1.00 -25.93
N ILE C 241 -14.92 -0.32 -25.94
CA ILE C 241 -16.17 -0.95 -25.52
C ILE C 241 -15.79 -1.77 -24.30
N ALA C 242 -16.46 -1.56 -23.17
CA ALA C 242 -16.11 -2.28 -21.93
C ALA C 242 -17.31 -2.85 -21.19
N SER C 243 -17.18 -4.10 -20.74
CA SER C 243 -18.22 -4.73 -19.93
C SER C 243 -17.61 -5.10 -18.61
N PHE C 244 -18.16 -4.53 -17.52
CA PHE C 244 -17.64 -4.72 -16.18
C PHE C 244 -18.55 -5.59 -15.34
N LEU C 245 -18.04 -6.74 -14.90
CA LEU C 245 -18.71 -7.50 -13.87
C LEU C 245 -18.28 -6.84 -12.56
N LEU C 246 -19.26 -6.27 -11.86
CA LEU C 246 -19.01 -5.51 -10.63
C LEU C 246 -19.07 -6.40 -9.40
N GLY C 247 -18.82 -5.80 -8.24
CA GLY C 247 -18.95 -6.50 -6.97
C GLY C 247 -20.38 -6.67 -6.49
N PRO C 248 -20.56 -7.20 -5.27
CA PRO C 248 -21.94 -7.33 -4.77
C PRO C 248 -22.52 -5.95 -4.48
N MET C 249 -23.83 -5.81 -4.63
CA MET C 249 -24.43 -4.47 -4.60
C MET C 249 -25.13 -4.19 -3.28
N ASP C 250 -25.73 -5.19 -2.65
CA ASP C 250 -26.25 -4.97 -1.30
C ASP C 250 -25.16 -5.14 -0.19
N THR C 251 -24.39 -6.23 -0.23
CA THR C 251 -23.29 -6.49 0.72
C THR C 251 -21.99 -5.79 0.27
N ASP C 252 -20.89 -6.01 0.98
CA ASP C 252 -19.59 -5.66 0.44
C ASP C 252 -18.79 -6.95 0.38
N LEU C 253 -17.88 -7.01 -0.58
CA LEU C 253 -17.22 -8.26 -0.92
C LEU C 253 -16.20 -8.73 0.12
N GLU C 254 -16.46 -9.91 0.69
CA GLU C 254 -15.48 -10.58 1.51
C GLU C 254 -15.19 -11.97 0.97
N PRO C 255 -13.96 -12.47 1.17
CA PRO C 255 -13.54 -13.70 0.50
C PRO C 255 -14.24 -14.94 1.07
N PRO C 256 -14.51 -15.92 0.22
CA PRO C 256 -14.83 -17.25 0.73
C PRO C 256 -13.69 -17.67 1.65
N SER C 257 -13.99 -18.20 2.83
CA SER C 257 -12.97 -18.36 3.87
C SER C 257 -11.91 -19.41 3.51
N GLU C 258 -12.10 -20.09 2.39
CA GLU C 258 -11.09 -20.96 1.82
C GLU C 258 -9.84 -20.17 1.42
N PHE C 259 -10.02 -18.88 1.18
CA PHE C 259 -8.94 -18.00 0.68
C PHE C 259 -8.00 -17.32 1.70
N VAL C 260 -8.36 -17.30 2.99
CA VAL C 260 -7.56 -16.54 3.98
C VAL C 260 -6.36 -17.36 4.49
N ASP C 261 -5.18 -16.74 4.27
CA ASP C 261 -3.76 -17.16 4.50
C ASP C 261 -3.01 -17.16 3.18
#